data_6WEE
#
_entry.id   6WEE
#
_cell.length_a   132.965
_cell.length_b   132.965
_cell.length_c   104.878
_cell.angle_alpha   90.000
_cell.angle_beta   90.000
_cell.angle_gamma   120.000
#
_symmetry.space_group_name_H-M   'P 62'
#
loop_
_entity.id
_entity.type
_entity.pdbx_description
1 polymer 'Uncharacterized protein'
2 non-polymer 'COPPER (II) ION'
3 non-polymer GLYCEROL
4 non-polymer 'SULFATE ION'
5 non-polymer 2-AMINO-2-HYDROXYMETHYL-PROPANE-1,3-DIOL
6 water water
#
_entity_poly.entity_id   1
_entity_poly.type   'polypeptide(L)'
_entity_poly.pdbx_seq_one_letter_code
;GGEVPIGDPKELNGMEIAAVYLQPIEMEPRGIDLAASLADIHLEADIHALKNNPNGFPEGFWMPYLTIAYELKNTDTGAI
KRGTLMPIVADDGPHYGANIAMEKDKKGGFGVGNYELTFYISNPEKQGFGRHVDEETGVGKWFEPFKVDYKFKYTGTPK
;
_entity_poly.pdbx_strand_id   A,B,C,D,E,F
#
loop_
_chem_comp.id
_chem_comp.type
_chem_comp.name
_chem_comp.formula
CU non-polymer 'COPPER (II) ION' 'Cu 2'
GOL non-polymer GLYCEROL 'C3 H8 O3'
SO4 non-polymer 'SULFATE ION' 'O4 S -2'
TRS non-polymer 2-AMINO-2-HYDROXYMETHYL-PROPANE-1,3-DIOL 'C4 H12 N O3 1'
#
# COMPACT_ATOMS: atom_id res chain seq x y z
N GLY A 2 5.71 -14.41 -15.99
CA GLY A 2 7.08 -14.88 -16.03
C GLY A 2 8.09 -13.75 -16.08
N GLU A 3 8.92 -13.66 -15.05
CA GLU A 3 9.94 -12.63 -14.96
C GLU A 3 11.21 -13.07 -15.69
N VAL A 4 11.84 -12.14 -16.39
CA VAL A 4 13.00 -12.41 -17.22
C VAL A 4 14.16 -11.53 -16.72
N PRO A 5 15.31 -12.10 -16.38
CA PRO A 5 16.43 -11.26 -15.93
C PRO A 5 17.03 -10.46 -17.07
N ILE A 6 17.45 -9.23 -16.76
CA ILE A 6 18.17 -8.37 -17.68
C ILE A 6 19.64 -8.37 -17.26
N GLY A 7 20.50 -8.85 -18.15
CA GLY A 7 21.91 -8.99 -17.78
C GLY A 7 22.03 -9.82 -16.53
N ASP A 8 22.99 -9.46 -15.68
CA ASP A 8 23.19 -10.11 -14.40
C ASP A 8 23.54 -9.06 -13.36
N PRO A 9 23.40 -9.38 -12.08
CA PRO A 9 23.49 -8.35 -11.04
C PRO A 9 24.90 -7.79 -10.93
N LYS A 10 24.96 -6.53 -10.49
CA LYS A 10 26.22 -5.84 -10.21
C LYS A 10 26.26 -5.48 -8.73
N GLU A 11 27.41 -5.67 -8.11
CA GLU A 11 27.59 -5.47 -6.68
C GLU A 11 28.51 -4.27 -6.48
N LEU A 12 27.91 -3.12 -6.16
CA LEU A 12 28.65 -1.88 -5.98
C LEU A 12 28.00 -1.07 -4.85
N ASN A 13 28.85 -0.34 -4.13
CA ASN A 13 28.40 0.53 -3.04
C ASN A 13 27.60 -0.24 -1.99
N GLY A 14 27.97 -1.50 -1.77
CA GLY A 14 27.31 -2.30 -0.76
C GLY A 14 25.90 -2.75 -1.13
N MET A 15 25.60 -2.85 -2.41
CA MET A 15 24.26 -3.25 -2.86
C MET A 15 24.38 -4.18 -4.06
N GLU A 16 23.45 -5.13 -4.15
CA GLU A 16 23.30 -5.98 -5.32
C GLU A 16 22.22 -5.38 -6.20
N ILE A 17 22.59 -5.01 -7.43
CA ILE A 17 21.70 -4.30 -8.33
C ILE A 17 21.38 -5.22 -9.50
N ALA A 18 20.15 -5.72 -9.54
CA ALA A 18 19.68 -6.58 -10.61
C ALA A 18 18.57 -5.88 -11.39
N ALA A 19 18.42 -6.28 -12.65
CA ALA A 19 17.40 -5.73 -13.53
C ALA A 19 16.51 -6.85 -14.04
N VAL A 20 15.20 -6.62 -14.01
CA VAL A 20 14.21 -7.62 -14.40
C VAL A 20 13.01 -6.89 -14.98
N TYR A 21 12.26 -7.56 -15.85
CA TYR A 21 11.01 -7.00 -16.36
C TYR A 21 9.99 -8.11 -16.55
N LEU A 22 8.72 -7.75 -16.34
CA LEU A 22 7.60 -8.65 -16.58
C LEU A 22 6.58 -7.96 -17.48
N GLN A 23 5.41 -8.59 -17.66
CA GLN A 23 4.32 -7.94 -18.36
C GLN A 23 3.85 -6.73 -17.56
N PRO A 24 3.12 -5.82 -18.20
CA PRO A 24 2.55 -4.69 -17.44
C PRO A 24 1.72 -5.17 -16.27
N ILE A 25 1.80 -4.45 -15.16
CA ILE A 25 1.21 -4.87 -13.89
C ILE A 25 0.24 -3.79 -13.42
N GLU A 26 -0.96 -4.20 -13.04
CA GLU A 26 -1.92 -3.28 -12.46
C GLU A 26 -1.41 -2.79 -11.11
N MET A 27 -1.53 -1.49 -10.87
CA MET A 27 -0.91 -0.85 -9.73
C MET A 27 -1.90 0.02 -8.97
N GLU A 28 -1.68 0.11 -7.65
CA GLU A 28 -2.38 1.03 -6.77
C GLU A 28 -1.36 1.73 -5.88
N PRO A 29 -1.54 3.04 -5.61
CA PRO A 29 -2.58 3.96 -6.07
C PRO A 29 -2.59 4.16 -7.58
N ARG A 30 -3.78 4.43 -8.13
CA ARG A 30 -3.97 4.52 -9.57
C ARG A 30 -3.79 5.96 -10.04
N GLY A 31 -3.03 6.14 -11.11
CA GLY A 31 -2.80 7.44 -11.72
C GLY A 31 -1.36 7.88 -11.68
N ILE A 32 -0.61 7.47 -10.66
CA ILE A 32 0.78 7.90 -10.57
C ILE A 32 1.60 7.27 -11.69
N ASP A 33 1.66 5.94 -11.74
CA ASP A 33 2.39 5.25 -12.81
C ASP A 33 1.48 5.03 -14.01
N LEU A 34 2.10 4.98 -15.20
CA LEU A 34 1.36 4.75 -16.42
C LEU A 34 0.48 3.51 -16.30
N ALA A 35 -0.70 3.57 -16.89
CA ALA A 35 -1.63 2.46 -16.82
C ALA A 35 -1.05 1.22 -17.48
N ALA A 36 -1.30 0.06 -16.86
CA ALA A 36 -0.82 -1.19 -17.44
C ALA A 36 -1.43 -1.45 -18.82
N SER A 37 -2.63 -0.93 -19.07
CA SER A 37 -3.26 -1.13 -20.37
C SER A 37 -2.47 -0.46 -21.48
N LEU A 38 -1.79 0.65 -21.18
CA LEU A 38 -1.05 1.42 -22.17
C LEU A 38 0.44 1.14 -22.12
N ALA A 39 0.85 0.04 -21.51
CA ALA A 39 2.26 -0.30 -21.37
C ALA A 39 2.55 -1.66 -21.99
N ASP A 40 3.84 -1.96 -22.12
CA ASP A 40 4.29 -3.25 -22.63
C ASP A 40 5.13 -4.03 -21.64
N ILE A 41 5.67 -3.40 -20.60
CA ILE A 41 6.54 -4.07 -19.64
C ILE A 41 6.42 -3.37 -18.29
N HIS A 42 6.79 -4.09 -17.23
CA HIS A 42 6.88 -3.56 -15.88
C HIS A 42 8.34 -3.77 -15.44
N LEU A 43 9.18 -2.78 -15.72
CA LEU A 43 10.61 -2.89 -15.45
C LEU A 43 10.88 -2.68 -13.97
N GLU A 44 11.41 -3.69 -13.31
CA GLU A 44 11.68 -3.65 -11.88
C GLU A 44 13.18 -3.63 -11.62
N ALA A 45 13.59 -2.79 -10.67
CA ALA A 45 14.98 -2.70 -10.23
C ALA A 45 15.10 -3.33 -8.85
N ASP A 46 15.89 -4.38 -8.73
CA ASP A 46 16.05 -5.13 -7.49
C ASP A 46 17.38 -4.73 -6.84
N ILE A 47 17.29 -4.04 -5.71
CA ILE A 47 18.46 -3.50 -5.03
C ILE A 47 18.38 -3.91 -3.57
N HIS A 48 19.40 -4.61 -3.09
CA HIS A 48 19.42 -5.12 -1.72
C HIS A 48 20.82 -4.96 -1.15
N ALA A 49 20.89 -4.73 0.16
CA ALA A 49 22.16 -4.52 0.83
C ALA A 49 22.97 -5.81 0.85
N LEU A 50 24.24 -5.72 0.44
CA LEU A 50 25.11 -6.87 0.50
C LEU A 50 25.56 -7.11 1.95
N LYS A 51 26.27 -8.20 2.15
CA LYS A 51 26.82 -8.51 3.47
C LYS A 51 27.81 -7.41 3.88
N ASN A 52 27.70 -6.98 5.14
CA ASN A 52 28.58 -5.94 5.67
C ASN A 52 28.38 -4.62 4.92
N ASN A 53 27.12 -4.18 4.87
CA ASN A 53 26.79 -2.97 4.13
C ASN A 53 27.46 -1.75 4.79
N PRO A 54 28.04 -0.84 4.00
CA PRO A 54 28.71 0.32 4.62
C PRO A 54 27.77 1.21 5.43
N ASN A 55 26.51 1.31 5.04
CA ASN A 55 25.60 2.30 5.62
C ASN A 55 24.65 1.70 6.65
N GLY A 56 25.06 0.61 7.30
CA GLY A 56 24.30 0.07 8.42
C GLY A 56 23.09 -0.74 8.05
N PHE A 57 22.86 -1.01 6.78
CA PHE A 57 21.68 -1.79 6.38
C PHE A 57 21.99 -3.28 6.49
N PRO A 58 21.23 -4.05 7.27
CA PRO A 58 21.54 -5.47 7.42
C PRO A 58 21.58 -6.19 6.09
N GLU A 59 22.31 -7.31 6.08
CA GLU A 59 22.45 -8.10 4.87
C GLU A 59 21.09 -8.58 4.37
N GLY A 60 20.88 -8.46 3.06
CA GLY A 60 19.65 -8.90 2.44
C GLY A 60 18.50 -7.92 2.47
N PHE A 61 18.60 -6.86 3.26
CA PHE A 61 17.53 -5.88 3.34
C PHE A 61 17.34 -5.16 2.01
N TRP A 62 16.13 -4.70 1.77
CA TRP A 62 15.84 -3.84 0.64
C TRP A 62 16.30 -2.42 0.95
N MET A 63 16.87 -1.74 -0.05
CA MET A 63 17.40 -0.40 0.13
C MET A 63 16.32 0.62 -0.24
N PRO A 64 15.74 1.34 0.73
CA PRO A 64 14.62 2.23 0.41
C PRO A 64 15.03 3.67 0.16
N TYR A 65 14.07 4.48 -0.29
CA TYR A 65 14.21 5.92 -0.46
C TYR A 65 15.25 6.31 -1.50
N LEU A 66 15.73 5.38 -2.30
CA LEU A 66 16.71 5.74 -3.29
C LEU A 66 16.02 6.25 -4.56
N THR A 67 16.70 7.19 -5.22
CA THR A 67 16.19 7.83 -6.43
C THR A 67 16.76 7.09 -7.63
N ILE A 68 15.89 6.44 -8.40
CA ILE A 68 16.29 5.61 -9.52
C ILE A 68 15.67 6.19 -10.79
N ALA A 69 16.52 6.71 -11.67
CA ALA A 69 16.12 7.11 -13.01
C ALA A 69 16.68 6.12 -14.02
N TYR A 70 15.85 5.72 -14.98
CA TYR A 70 16.23 4.71 -15.96
C TYR A 70 16.35 5.34 -17.34
N GLU A 71 17.19 4.71 -18.18
CA GLU A 71 17.35 5.09 -19.57
C GLU A 71 17.24 3.82 -20.42
N LEU A 72 16.49 3.91 -21.52
CA LEU A 72 16.14 2.74 -22.32
C LEU A 72 16.58 2.97 -23.76
N LYS A 73 17.72 2.39 -24.13
CA LYS A 73 18.28 2.56 -25.47
C LYS A 73 18.14 1.29 -26.29
N ASN A 74 17.69 1.44 -27.52
CA ASN A 74 17.69 0.36 -28.50
C ASN A 74 18.92 0.51 -29.38
N THR A 75 19.83 -0.47 -29.32
CA THR A 75 21.05 -0.41 -30.12
C THR A 75 20.74 -0.44 -31.60
N ASP A 76 19.72 -1.21 -32.01
CA ASP A 76 19.33 -1.30 -33.41
C ASP A 76 18.58 -0.07 -33.88
N THR A 77 17.87 0.59 -32.97
CA THR A 77 17.03 1.74 -33.31
C THR A 77 17.69 3.08 -33.03
N GLY A 78 18.56 3.15 -32.02
CA GLY A 78 19.07 4.44 -31.59
C GLY A 78 18.00 5.34 -31.03
N ALA A 79 16.98 4.77 -30.41
CA ALA A 79 15.88 5.52 -29.80
C ALA A 79 15.92 5.31 -28.30
N ILE A 80 15.97 6.40 -27.54
CA ILE A 80 16.07 6.30 -26.10
C ILE A 80 15.12 7.26 -25.42
N LYS A 81 14.59 6.82 -24.28
CA LYS A 81 13.71 7.61 -23.44
C LYS A 81 14.09 7.38 -21.99
N ARG A 82 13.87 8.39 -21.16
CA ARG A 82 14.23 8.36 -19.76
C ARG A 82 12.99 8.48 -18.89
N GLY A 83 12.98 7.75 -17.78
CA GLY A 83 11.87 7.80 -16.84
C GLY A 83 12.29 7.50 -15.42
N THR A 84 11.30 7.32 -14.54
CA THR A 84 11.56 7.10 -13.12
C THR A 84 10.98 5.77 -12.68
N LEU A 85 11.62 5.16 -11.68
CA LEU A 85 11.17 3.91 -11.09
C LEU A 85 10.68 4.20 -9.67
N MET A 86 9.39 3.93 -9.43
CA MET A 86 8.80 4.23 -8.13
C MET A 86 9.03 3.08 -7.14
N PRO A 87 9.07 3.38 -5.84
CA PRO A 87 9.15 2.30 -4.85
C PRO A 87 7.81 1.58 -4.74
N ILE A 88 7.85 0.26 -4.97
CA ILE A 88 6.65 -0.55 -5.06
C ILE A 88 6.89 -1.87 -4.33
N VAL A 89 5.79 -2.49 -3.89
CA VAL A 89 5.84 -3.78 -3.23
C VAL A 89 4.94 -4.76 -3.97
N ALA A 90 5.41 -6.00 -4.09
CA ALA A 90 4.65 -7.11 -4.64
C ALA A 90 4.60 -8.23 -3.60
N ASP A 91 4.06 -9.39 -4.02
CA ASP A 91 3.97 -10.52 -3.10
C ASP A 91 5.32 -11.12 -2.79
N ASP A 92 6.35 -10.80 -3.58
CA ASP A 92 7.70 -11.29 -3.32
C ASP A 92 8.57 -10.30 -2.57
N GLY A 93 8.09 -9.08 -2.33
CA GLY A 93 8.81 -8.12 -1.54
C GLY A 93 8.87 -6.74 -2.16
N PRO A 94 9.37 -5.76 -1.40
CA PRO A 94 9.49 -4.41 -1.94
C PRO A 94 10.51 -4.34 -3.07
N HIS A 95 10.39 -3.31 -3.88
CA HIS A 95 11.26 -3.13 -5.04
C HIS A 95 10.98 -1.77 -5.66
N TYR A 96 11.64 -1.50 -6.78
CA TYR A 96 11.40 -0.32 -7.59
C TYR A 96 10.91 -0.77 -8.97
N GLY A 97 9.85 -0.14 -9.46
CA GLY A 97 9.26 -0.56 -10.72
C GLY A 97 8.60 0.59 -11.46
N ALA A 98 8.17 0.28 -12.68
CA ALA A 98 7.50 1.26 -13.53
C ALA A 98 6.99 0.57 -14.78
N ASN A 99 5.77 0.89 -15.17
CA ASN A 99 5.21 0.39 -16.42
C ASN A 99 5.65 1.29 -17.57
N ILE A 100 6.14 0.68 -18.65
CA ILE A 100 6.64 1.41 -19.80
C ILE A 100 6.00 0.87 -21.06
N ALA A 101 5.61 1.77 -21.95
CA ALA A 101 5.02 1.42 -23.23
C ALA A 101 6.12 1.28 -24.27
N MET A 102 6.30 0.07 -24.79
CA MET A 102 7.34 -0.19 -25.78
C MET A 102 6.75 -0.15 -27.19
N GLU A 103 6.20 -1.28 -27.64
CA GLU A 103 5.51 -1.31 -28.92
C GLU A 103 4.49 -0.19 -29.03
N LYS A 104 3.84 0.15 -27.91
CA LYS A 104 2.82 1.19 -27.88
C LYS A 104 3.40 2.59 -27.77
N ASP A 105 4.72 2.72 -27.66
CA ASP A 105 5.33 4.05 -27.70
C ASP A 105 4.98 4.72 -29.02
N LYS A 106 4.11 5.73 -28.97
CA LYS A 106 3.58 6.35 -30.17
C LYS A 106 4.68 6.68 -31.18
N LYS A 107 5.81 7.18 -30.70
CA LYS A 107 6.90 7.57 -31.59
C LYS A 107 7.65 6.38 -32.15
N GLY A 108 7.31 5.16 -31.76
CA GLY A 108 7.93 3.98 -32.31
C GLY A 108 9.41 3.90 -31.97
N GLY A 109 10.06 2.91 -32.59
CA GLY A 109 11.46 2.66 -32.36
C GLY A 109 11.78 1.93 -31.07
N PHE A 110 10.77 1.67 -30.23
CA PHE A 110 10.99 1.00 -28.96
C PHE A 110 10.41 -0.41 -28.94
N GLY A 111 10.07 -0.97 -30.10
CA GLY A 111 9.57 -2.32 -30.16
C GLY A 111 10.68 -3.34 -30.13
N VAL A 112 10.97 -3.82 -31.30
CA VAL A 112 12.01 -4.80 -31.41
C VAL A 112 13.39 -4.15 -31.30
N GLY A 113 14.33 -4.85 -30.72
CA GLY A 113 15.64 -4.29 -30.59
C GLY A 113 16.50 -4.96 -29.56
N ASN A 114 17.79 -4.78 -29.70
CA ASN A 114 18.73 -5.23 -28.74
C ASN A 114 18.77 -4.00 -27.84
N TYR A 115 18.77 -4.21 -26.55
CA TYR A 115 18.67 -3.08 -25.69
C TYR A 115 19.80 -2.79 -24.67
N GLU A 116 19.96 -1.51 -24.36
CA GLU A 116 20.89 -1.11 -23.31
C GLU A 116 20.08 -0.44 -22.21
N LEU A 117 20.21 -0.94 -20.98
CA LEU A 117 19.45 -0.44 -19.84
C LEU A 117 20.40 0.20 -18.84
N THR A 118 20.09 1.43 -18.44
CA THR A 118 20.86 2.14 -17.44
C THR A 118 20.02 2.37 -16.18
N PHE A 119 20.70 2.44 -15.04
CA PHE A 119 20.09 2.83 -13.77
C PHE A 119 20.94 3.95 -13.19
N TYR A 120 20.33 5.13 -13.04
CA TYR A 120 21.01 6.29 -12.47
C TYR A 120 20.55 6.42 -11.02
N ILE A 121 21.42 6.05 -10.10
CA ILE A 121 21.07 5.80 -8.70
C ILE A 121 21.67 6.91 -7.85
N SER A 122 20.81 7.59 -7.09
CA SER A 122 21.21 8.59 -6.12
C SER A 122 20.82 8.11 -4.73
N ASN A 123 21.50 8.65 -3.72
CA ASN A 123 21.34 8.15 -2.35
C ASN A 123 20.11 8.76 -1.69
N PRO A 124 19.68 8.20 -0.56
CA PRO A 124 18.37 8.59 0.02
C PRO A 124 18.32 9.98 0.63
N GLU A 125 19.42 10.73 0.64
CA GLU A 125 19.43 11.99 1.38
C GLU A 125 18.51 13.03 0.76
N LYS A 126 18.39 13.04 -0.58
CA LYS A 126 17.51 14.01 -1.21
C LYS A 126 16.06 13.84 -0.78
N GLN A 127 15.66 12.60 -0.45
CA GLN A 127 14.30 12.33 -0.02
C GLN A 127 14.08 12.58 1.47
N GLY A 128 15.02 13.21 2.15
CA GLY A 128 14.89 13.50 3.56
C GLY A 128 15.30 12.37 4.49
N PHE A 129 15.91 11.32 3.97
CA PHE A 129 16.35 10.20 4.80
C PHE A 129 17.66 10.56 5.50
N GLY A 130 17.71 10.33 6.82
CA GLY A 130 18.85 10.68 7.62
C GLY A 130 19.66 9.48 8.07
N ARG A 131 20.75 9.78 8.78
CA ARG A 131 21.66 8.76 9.27
C ARG A 131 22.37 9.26 10.51
N HIS A 132 22.64 8.35 11.45
CA HIS A 132 23.44 8.69 12.61
C HIS A 132 24.88 8.93 12.20
N VAL A 133 25.53 9.90 12.85
CA VAL A 133 26.95 10.15 12.62
C VAL A 133 27.66 10.28 13.96
N ASP A 134 27.01 9.84 15.03
CA ASP A 134 27.69 9.79 16.32
C ASP A 134 28.70 8.66 16.32
N GLU A 135 29.71 8.79 17.17
CA GLU A 135 30.79 7.81 17.23
C GLU A 135 30.36 6.42 17.70
N GLU A 136 29.26 6.33 18.44
CA GLU A 136 28.84 5.03 18.95
C GLU A 136 27.99 4.26 17.95
N THR A 137 27.01 4.93 17.33
CA THR A 137 26.06 4.25 16.45
C THR A 137 26.06 4.80 15.03
N GLY A 138 26.90 5.77 14.71
CA GLY A 138 26.92 6.32 13.37
C GLY A 138 27.41 5.33 12.33
N VAL A 139 27.11 5.63 11.07
CA VAL A 139 27.52 4.81 9.94
C VAL A 139 28.20 5.70 8.90
N GLY A 140 28.78 5.06 7.90
CA GLY A 140 29.57 5.76 6.91
C GLY A 140 28.74 6.64 6.00
N LYS A 141 29.44 7.26 5.05
CA LYS A 141 28.83 8.20 4.12
C LYS A 141 28.06 7.46 3.04
N TRP A 142 27.03 8.12 2.51
CA TRP A 142 26.30 7.59 1.36
C TRP A 142 27.12 7.77 0.10
N PHE A 143 27.02 6.78 -0.79
CA PHE A 143 27.72 6.86 -2.07
C PHE A 143 27.30 8.12 -2.84
N GLU A 144 28.18 8.54 -3.74
CA GLU A 144 27.83 9.60 -4.67
C GLU A 144 27.07 9.02 -5.86
N PRO A 145 26.34 9.85 -6.59
CA PRO A 145 25.55 9.34 -7.73
C PRO A 145 26.43 8.57 -8.71
N PHE A 146 25.99 7.36 -9.04
CA PHE A 146 26.70 6.51 -9.99
C PHE A 146 25.68 5.91 -10.95
N LYS A 147 26.18 5.23 -11.98
CA LYS A 147 25.33 4.65 -13.00
C LYS A 147 25.68 3.18 -13.20
N VAL A 148 24.68 2.43 -13.67
CA VAL A 148 24.80 0.99 -13.88
C VAL A 148 24.16 0.66 -15.22
N ASP A 149 24.82 -0.18 -16.00
CA ASP A 149 24.40 -0.46 -17.38
C ASP A 149 24.23 -1.94 -17.58
N TYR A 150 23.10 -2.33 -18.20
CA TYR A 150 22.83 -3.71 -18.57
C TYR A 150 22.68 -3.81 -20.09
N LYS A 151 22.86 -5.02 -20.60
CA LYS A 151 22.60 -5.35 -21.99
C LYS A 151 21.55 -6.45 -22.04
N PHE A 152 20.48 -6.21 -22.78
CA PHE A 152 19.44 -7.21 -22.95
C PHE A 152 18.73 -6.98 -24.28
N LYS A 153 18.14 -8.05 -24.79
CA LYS A 153 17.44 -8.04 -26.07
C LYS A 153 15.96 -8.28 -25.79
N TYR A 154 15.11 -7.35 -26.23
CA TYR A 154 13.71 -7.36 -25.83
C TYR A 154 12.95 -8.44 -26.60
N THR A 155 12.18 -9.24 -25.85
CA THR A 155 11.47 -10.38 -26.40
C THR A 155 9.97 -10.12 -26.57
N GLY A 156 9.54 -8.88 -26.44
CA GLY A 156 8.12 -8.59 -26.29
C GLY A 156 7.67 -8.96 -24.89
N THR A 157 6.38 -8.78 -24.65
CA THR A 157 5.83 -9.10 -23.34
C THR A 157 6.07 -10.57 -23.01
N PRO A 158 6.61 -10.88 -21.82
CA PRO A 158 6.80 -12.30 -21.46
C PRO A 158 5.49 -13.08 -21.40
N GLY B 1 23.95 0.58 29.28
CA GLY B 1 23.50 0.08 27.95
C GLY B 1 23.42 1.17 26.90
N GLY B 2 22.86 2.31 27.28
CA GLY B 2 22.70 3.43 26.38
C GLY B 2 21.41 3.43 25.58
N GLU B 3 20.56 2.42 25.75
CA GLU B 3 19.31 2.30 25.02
C GLU B 3 18.24 1.76 25.97
N VAL B 4 17.14 2.47 26.09
CA VAL B 4 16.10 2.17 27.08
C VAL B 4 14.87 1.65 26.34
N PRO B 5 14.32 0.50 26.73
CA PRO B 5 13.06 0.05 26.12
C PRO B 5 11.86 0.76 26.73
N ILE B 6 10.87 1.03 25.88
CA ILE B 6 9.64 1.69 26.28
C ILE B 6 8.51 0.68 26.17
N GLY B 7 7.87 0.38 27.30
CA GLY B 7 6.74 -0.53 27.33
C GLY B 7 7.08 -1.86 26.67
N ASP B 8 6.06 -2.50 26.11
CA ASP B 8 6.21 -3.77 25.43
C ASP B 8 5.82 -3.63 23.97
N PRO B 9 6.38 -4.46 23.09
CA PRO B 9 6.05 -4.33 21.66
C PRO B 9 4.61 -4.71 21.38
N LYS B 10 4.11 -4.22 20.26
CA LYS B 10 2.77 -4.54 19.77
C LYS B 10 2.87 -5.25 18.43
N GLU B 11 2.00 -6.23 18.21
CA GLU B 11 1.95 -7.01 16.97
C GLU B 11 0.58 -6.78 16.34
N LEU B 12 0.50 -5.80 15.44
CA LEU B 12 -0.75 -5.44 14.79
C LEU B 12 -0.49 -5.16 13.32
N ASN B 13 -1.50 -5.45 12.49
CA ASN B 13 -1.47 -5.13 11.07
C ASN B 13 -0.25 -5.74 10.39
N GLY B 14 0.14 -6.92 10.83
CA GLY B 14 1.26 -7.62 10.22
C GLY B 14 2.61 -7.01 10.49
N MET B 15 2.76 -6.30 11.61
CA MET B 15 4.01 -5.63 11.95
C MET B 15 4.23 -5.74 13.46
N GLU B 16 5.50 -5.78 13.86
CA GLU B 16 5.89 -5.64 15.24
C GLU B 16 6.34 -4.20 15.48
N ILE B 17 5.69 -3.52 16.40
CA ILE B 17 5.97 -2.12 16.70
C ILE B 17 6.58 -2.05 18.09
N ALA B 18 7.83 -1.60 18.16
CA ALA B 18 8.55 -1.45 19.42
C ALA B 18 9.07 -0.03 19.52
N ALA B 19 9.23 0.44 20.76
CA ALA B 19 9.69 1.79 21.03
C ALA B 19 10.92 1.74 21.95
N VAL B 20 11.88 2.61 21.66
CA VAL B 20 13.07 2.77 22.48
C VAL B 20 13.51 4.23 22.38
N TYR B 21 14.18 4.72 23.43
CA TYR B 21 14.72 6.06 23.40
C TYR B 21 16.18 6.04 23.85
N LEU B 22 16.98 6.91 23.23
CA LEU B 22 18.42 6.96 23.40
C LEU B 22 18.82 8.32 23.96
N GLN B 23 20.13 8.50 24.10
CA GLN B 23 20.68 9.83 24.27
C GLN B 23 20.48 10.62 22.97
N PRO B 24 20.51 11.96 23.04
CA PRO B 24 20.47 12.75 21.81
C PRO B 24 21.56 12.31 20.84
N ILE B 25 21.18 12.17 19.56
CA ILE B 25 22.04 11.62 18.53
C ILE B 25 22.37 12.72 17.52
N GLU B 26 23.63 12.78 17.12
CA GLU B 26 24.05 13.67 16.04
C GLU B 26 23.80 12.99 14.70
N MET B 27 23.16 13.70 13.78
CA MET B 27 22.77 13.09 12.51
C MET B 27 22.85 14.11 11.39
N GLU B 28 23.26 13.63 10.22
CA GLU B 28 23.28 14.38 8.97
C GLU B 28 22.17 13.91 8.06
N PRO B 29 21.58 14.79 7.22
CA PRO B 29 21.86 16.23 7.10
C PRO B 29 21.43 17.04 8.33
N ARG B 30 22.23 18.03 8.69
CA ARG B 30 21.94 18.87 9.84
C ARG B 30 20.90 19.92 9.48
N GLY B 31 19.94 20.13 10.38
CA GLY B 31 18.88 21.10 10.22
C GLY B 31 17.50 20.49 10.07
N ILE B 32 17.42 19.29 9.51
CA ILE B 32 16.13 18.61 9.39
C ILE B 32 15.52 18.38 10.77
N ASP B 33 16.26 17.68 11.63
CA ASP B 33 15.81 17.35 12.96
C ASP B 33 16.50 18.24 14.00
N LEU B 34 15.85 18.36 15.15
CA LEU B 34 16.41 19.12 16.26
C LEU B 34 17.83 18.63 16.58
N ALA B 35 18.74 19.57 16.76
CA ALA B 35 20.13 19.22 17.00
C ALA B 35 20.27 18.47 18.32
N ALA B 36 21.28 17.60 18.38
CA ALA B 36 21.48 16.78 19.57
C ALA B 36 21.79 17.63 20.80
N SER B 37 22.51 18.75 20.62
CA SER B 37 22.84 19.61 21.75
C SER B 37 21.60 20.25 22.36
N LEU B 38 20.55 20.44 21.56
CA LEU B 38 19.31 21.06 22.03
C LEU B 38 18.28 20.04 22.50
N ALA B 39 18.65 18.77 22.60
CA ALA B 39 17.70 17.71 22.93
C ALA B 39 18.19 16.93 24.13
N ASP B 40 17.26 16.21 24.77
CA ASP B 40 17.56 15.39 25.94
C ASP B 40 17.48 13.90 25.69
N ILE B 41 16.77 13.46 24.66
CA ILE B 41 16.68 12.05 24.30
C ILE B 41 16.50 11.94 22.78
N HIS B 42 16.63 10.73 22.26
CA HIS B 42 16.35 10.42 20.87
C HIS B 42 15.33 9.29 20.85
N LEU B 43 14.06 9.63 20.61
CA LEU B 43 12.99 8.64 20.58
C LEU B 43 13.01 7.92 19.23
N GLU B 44 12.88 6.60 19.27
CA GLU B 44 12.96 5.79 18.06
C GLU B 44 11.85 4.75 18.07
N ALA B 45 11.31 4.47 16.88
CA ALA B 45 10.25 3.48 16.71
C ALA B 45 10.78 2.37 15.80
N ASP B 46 10.78 1.14 16.30
CA ASP B 46 11.23 -0.02 15.55
C ASP B 46 10.02 -0.77 15.02
N ILE B 47 9.88 -0.83 13.70
CA ILE B 47 8.74 -1.46 13.04
C ILE B 47 9.27 -2.42 11.99
N HIS B 48 8.87 -3.68 12.08
CA HIS B 48 9.35 -4.71 11.17
C HIS B 48 8.20 -5.63 10.79
N ALA B 49 8.36 -6.31 9.66
CA ALA B 49 7.33 -7.19 9.15
C ALA B 49 7.29 -8.49 9.93
N LEU B 50 6.10 -8.91 10.33
CA LEU B 50 5.92 -10.19 10.99
C LEU B 50 5.96 -11.33 9.98
N LYS B 51 5.93 -12.56 10.49
CA LYS B 51 5.78 -13.72 9.61
C LYS B 51 4.43 -13.66 8.92
N ASN B 52 4.43 -13.97 7.62
CA ASN B 52 3.22 -13.94 6.81
C ASN B 52 2.61 -12.54 6.81
N ASN B 53 3.40 -11.58 6.35
CA ASN B 53 2.96 -10.19 6.30
C ASN B 53 1.88 -10.03 5.24
N PRO B 54 0.75 -9.40 5.55
CA PRO B 54 -0.35 -9.31 4.57
C PRO B 54 -0.05 -8.43 3.38
N ASN B 55 1.03 -7.63 3.41
CA ASN B 55 1.31 -6.67 2.36
C ASN B 55 2.55 -7.03 1.56
N GLY B 56 2.99 -8.28 1.62
CA GLY B 56 4.06 -8.75 0.77
C GLY B 56 5.47 -8.44 1.25
N PHE B 57 5.63 -7.99 2.49
CA PHE B 57 6.95 -7.65 3.01
C PHE B 57 7.57 -8.87 3.68
N PRO B 58 8.76 -9.29 3.27
CA PRO B 58 9.35 -10.49 3.89
C PRO B 58 9.47 -10.35 5.40
N GLU B 59 9.48 -11.50 6.08
CA GLU B 59 9.56 -11.52 7.53
C GLU B 59 10.84 -10.86 8.01
N GLY B 60 10.70 -9.91 8.93
CA GLY B 60 11.83 -9.22 9.50
C GLY B 60 12.22 -7.92 8.80
N PHE B 61 11.71 -7.69 7.59
CA PHE B 61 12.06 -6.48 6.85
C PHE B 61 11.62 -5.24 7.62
N TRP B 62 12.32 -4.14 7.37
CA TRP B 62 11.91 -2.85 7.89
C TRP B 62 10.77 -2.30 7.06
N MET B 63 9.75 -1.76 7.73
CA MET B 63 8.57 -1.22 7.06
C MET B 63 8.85 0.23 6.68
N PRO B 64 9.08 0.53 5.39
CA PRO B 64 9.50 1.90 5.03
C PRO B 64 8.36 2.80 4.60
N TYR B 65 8.68 4.07 4.35
CA TYR B 65 7.73 5.05 3.82
C TYR B 65 6.50 5.22 4.72
N LEU B 66 6.60 4.85 5.99
CA LEU B 66 5.50 5.02 6.92
C LEU B 66 5.45 6.45 7.43
N THR B 67 4.23 6.90 7.76
CA THR B 67 4.01 8.21 8.37
C THR B 67 3.75 7.97 9.86
N ILE B 68 4.74 8.28 10.69
CA ILE B 68 4.68 8.02 12.12
C ILE B 68 4.70 9.35 12.84
N ALA B 69 3.59 9.68 13.49
CA ALA B 69 3.51 10.84 14.38
C ALA B 69 3.46 10.34 15.82
N TYR B 70 4.11 11.08 16.72
CA TYR B 70 4.19 10.71 18.12
C TYR B 70 3.55 11.78 18.99
N GLU B 71 3.07 11.34 20.16
CA GLU B 71 2.54 12.25 21.17
C GLU B 71 3.06 11.80 22.53
N LEU B 72 3.76 12.69 23.22
CA LEU B 72 4.38 12.40 24.50
C LEU B 72 3.69 13.23 25.58
N LYS B 73 2.98 12.57 26.48
CA LYS B 73 2.21 13.22 27.52
C LYS B 73 2.79 12.87 28.88
N ASN B 74 3.27 13.88 29.59
CA ASN B 74 3.65 13.71 30.99
C ASN B 74 2.37 13.62 31.82
N THR B 75 2.03 12.42 32.28
CA THR B 75 0.80 12.23 33.04
C THR B 75 0.79 13.06 34.32
N ASP B 76 1.96 13.36 34.87
CA ASP B 76 2.04 14.07 36.15
C ASP B 76 1.97 15.57 36.00
N THR B 77 2.49 16.13 34.90
CA THR B 77 2.40 17.55 34.64
C THR B 77 1.33 17.91 33.62
N GLY B 78 0.70 16.92 32.99
CA GLY B 78 -0.32 17.17 32.00
C GLY B 78 0.17 17.77 30.69
N ALA B 79 1.48 17.97 30.55
CA ALA B 79 2.02 18.55 29.33
C ALA B 79 1.99 17.53 28.19
N ILE B 80 1.74 18.02 26.98
CA ILE B 80 1.65 17.17 25.79
C ILE B 80 2.38 17.85 24.65
N LYS B 81 3.19 17.08 23.93
CA LYS B 81 3.92 17.60 22.77
C LYS B 81 3.86 16.55 21.66
N ARG B 82 3.79 17.03 20.42
CA ARG B 82 3.63 16.16 19.25
C ARG B 82 4.80 16.37 18.30
N GLY B 83 4.91 15.44 17.34
CA GLY B 83 5.95 15.54 16.34
C GLY B 83 5.89 14.33 15.42
N THR B 84 6.86 14.28 14.51
CA THR B 84 6.98 13.19 13.55
C THR B 84 8.35 12.53 13.68
N LEU B 85 8.39 11.24 13.38
CA LEU B 85 9.62 10.45 13.42
C LEU B 85 10.06 10.19 11.98
N MET B 86 11.26 10.68 11.64
CA MET B 86 11.76 10.56 10.28
C MET B 86 12.37 9.19 10.05
N PRO B 87 12.45 8.75 8.79
CA PRO B 87 13.21 7.53 8.47
C PRO B 87 14.70 7.80 8.51
N ILE B 88 15.44 6.99 9.26
CA ILE B 88 16.87 7.19 9.46
C ILE B 88 17.52 5.83 9.70
N VAL B 89 18.83 5.77 9.49
CA VAL B 89 19.59 4.54 9.58
C VAL B 89 20.74 4.73 10.57
N ALA B 90 20.90 3.78 11.48
CA ALA B 90 22.02 3.70 12.39
C ALA B 90 22.91 2.52 11.99
N ASP B 91 23.84 2.15 12.88
CA ASP B 91 24.74 1.05 12.58
C ASP B 91 24.05 -0.31 12.67
N ASP B 92 22.86 -0.38 13.29
CA ASP B 92 22.13 -1.63 13.41
C ASP B 92 20.90 -1.68 12.51
N GLY B 93 20.74 -0.71 11.60
CA GLY B 93 19.68 -0.77 10.62
C GLY B 93 18.79 0.47 10.63
N PRO B 94 17.89 0.55 9.66
CA PRO B 94 16.99 1.71 9.59
C PRO B 94 15.92 1.68 10.66
N HIS B 95 15.40 2.86 10.97
CA HIS B 95 14.35 3.00 11.97
C HIS B 95 13.69 4.37 11.78
N TYR B 96 12.75 4.68 12.66
CA TYR B 96 12.11 5.98 12.71
C TYR B 96 12.43 6.62 14.06
N GLY B 97 12.91 7.86 14.04
CA GLY B 97 13.29 8.50 15.28
C GLY B 97 13.33 10.01 15.15
N ALA B 98 13.65 10.66 16.27
CA ALA B 98 13.72 12.11 16.35
C ALA B 98 14.41 12.51 17.65
N ASN B 99 15.11 13.63 17.62
CA ASN B 99 15.69 14.22 18.82
C ASN B 99 14.66 15.13 19.47
N ILE B 100 14.41 14.90 20.76
CA ILE B 100 13.34 15.56 21.48
C ILE B 100 13.91 16.31 22.67
N ALA B 101 13.47 17.55 22.86
CA ALA B 101 13.83 18.34 24.02
C ALA B 101 12.84 18.02 25.15
N MET B 102 13.35 17.50 26.26
CA MET B 102 12.51 17.17 27.41
C MET B 102 12.68 18.23 28.49
N GLU B 103 13.75 18.12 29.29
CA GLU B 103 14.05 19.16 30.26
C GLU B 103 14.37 20.48 29.58
N LYS B 104 14.87 20.43 28.35
CA LYS B 104 15.29 21.63 27.64
C LYS B 104 14.14 22.36 26.95
N ASP B 105 12.93 21.79 26.96
CA ASP B 105 11.79 22.48 26.37
C ASP B 105 11.48 23.75 27.16
N LYS B 106 11.24 24.84 26.44
CA LYS B 106 11.01 26.13 27.08
C LYS B 106 9.61 26.24 27.67
N LYS B 107 8.63 25.54 27.09
CA LYS B 107 7.28 25.59 27.64
C LYS B 107 7.17 24.87 28.97
N GLY B 108 8.13 24.01 29.30
CA GLY B 108 8.15 23.33 30.57
C GLY B 108 7.12 22.23 30.66
N GLY B 109 7.25 21.42 31.71
CA GLY B 109 6.35 20.32 31.96
C GLY B 109 6.78 19.00 31.37
N PHE B 110 7.99 18.90 30.83
CA PHE B 110 8.46 17.67 30.20
C PHE B 110 9.73 17.15 30.89
N GLY B 111 9.88 17.43 32.17
CA GLY B 111 10.96 16.87 32.95
C GLY B 111 10.73 15.42 33.29
N VAL B 112 11.21 15.01 34.46
CA VAL B 112 11.00 13.64 34.91
C VAL B 112 9.51 13.43 35.19
N GLY B 113 9.06 12.19 35.08
CA GLY B 113 7.69 11.85 35.38
C GLY B 113 7.25 10.63 34.61
N ASN B 114 5.98 10.27 34.82
CA ASN B 114 5.35 9.16 34.13
C ASN B 114 4.78 9.66 32.80
N TYR B 115 5.00 8.89 31.75
CA TYR B 115 4.70 9.35 30.39
C TYR B 115 3.85 8.34 29.65
N GLU B 116 2.96 8.87 28.80
CA GLU B 116 2.13 8.07 27.90
C GLU B 116 2.58 8.37 26.47
N LEU B 117 3.15 7.36 25.81
CA LEU B 117 3.63 7.52 24.44
C LEU B 117 2.63 6.92 23.47
N THR B 118 2.37 7.64 22.38
CA THR B 118 1.43 7.19 21.36
C THR B 118 2.02 7.42 19.98
N PHE B 119 2.01 6.39 19.16
CA PHE B 119 2.39 6.50 17.75
C PHE B 119 1.12 6.53 16.90
N TYR B 120 1.09 7.43 15.92
CA TYR B 120 -0.01 7.52 14.96
C TYR B 120 0.55 7.09 13.61
N ILE B 121 0.11 5.93 13.14
CA ILE B 121 0.75 5.24 12.01
C ILE B 121 -0.24 5.21 10.85
N SER B 122 0.16 5.81 9.73
CA SER B 122 -0.59 5.74 8.48
C SER B 122 0.28 5.05 7.43
N ASN B 123 -0.38 4.41 6.46
CA ASN B 123 0.29 3.50 5.55
C ASN B 123 1.11 4.27 4.52
N PRO B 124 1.95 3.57 3.75
CA PRO B 124 2.90 4.26 2.86
C PRO B 124 2.28 4.91 1.63
N GLU B 125 0.98 4.74 1.39
CA GLU B 125 0.40 5.27 0.15
C GLU B 125 0.43 6.79 0.09
N LYS B 126 0.58 7.46 1.23
CA LYS B 126 0.64 8.92 1.20
C LYS B 126 1.96 9.43 0.63
N GLN B 127 3.02 8.61 0.68
CA GLN B 127 4.31 8.97 0.13
C GLN B 127 4.43 8.64 -1.35
N GLY B 128 3.41 8.05 -1.95
CA GLY B 128 3.49 7.57 -3.31
C GLY B 128 4.00 6.15 -3.45
N PHE B 129 4.03 5.39 -2.36
CA PHE B 129 4.48 4.00 -2.43
C PHE B 129 3.42 3.16 -3.13
N GLY B 130 3.86 2.31 -4.06
CA GLY B 130 2.96 1.58 -4.91
C GLY B 130 2.65 0.17 -4.41
N ARG B 131 1.62 -0.41 -5.02
CA ARG B 131 1.15 -1.75 -4.69
C ARG B 131 0.82 -2.48 -5.97
N HIS B 132 1.25 -3.74 -6.06
CA HIS B 132 0.78 -4.62 -7.12
C HIS B 132 -0.61 -5.13 -6.75
N VAL B 133 -1.54 -5.09 -7.69
CA VAL B 133 -2.91 -5.51 -7.42
C VAL B 133 -3.38 -6.49 -8.48
N ASP B 134 -2.45 -7.03 -9.27
CA ASP B 134 -2.80 -8.07 -10.21
C ASP B 134 -3.03 -9.39 -9.48
N GLU B 135 -3.57 -10.37 -10.21
CA GLU B 135 -3.89 -11.65 -9.60
C GLU B 135 -2.62 -12.42 -9.22
N GLU B 136 -1.58 -12.33 -10.05
CA GLU B 136 -0.39 -13.14 -9.83
C GLU B 136 0.48 -12.56 -8.71
N THR B 137 0.81 -11.27 -8.80
CA THR B 137 1.80 -10.66 -7.91
C THR B 137 1.19 -9.61 -6.99
N GLY B 138 -0.13 -9.60 -6.83
CA GLY B 138 -0.77 -8.58 -6.05
C GLY B 138 -0.64 -8.81 -4.55
N VAL B 139 -0.74 -7.70 -3.81
CA VAL B 139 -0.69 -7.73 -2.35
C VAL B 139 -1.96 -7.07 -1.83
N GLY B 140 -2.28 -7.36 -0.57
CA GLY B 140 -3.51 -6.89 0.03
C GLY B 140 -3.50 -5.39 0.30
N LYS B 141 -4.70 -4.87 0.58
CA LYS B 141 -4.84 -3.46 0.91
C LYS B 141 -3.92 -3.09 2.08
N TRP B 142 -3.56 -1.82 2.15
CA TRP B 142 -2.85 -1.31 3.31
C TRP B 142 -3.81 -1.06 4.46
N PHE B 143 -3.32 -1.23 5.68
CA PHE B 143 -4.11 -0.94 6.86
C PHE B 143 -4.58 0.50 6.86
N GLU B 144 -5.61 0.77 7.65
CA GLU B 144 -6.07 2.12 7.89
C GLU B 144 -5.27 2.75 9.02
N PRO B 145 -5.23 4.08 9.11
CA PRO B 145 -4.47 4.72 10.19
C PRO B 145 -4.91 4.23 11.56
N PHE B 146 -3.94 3.91 12.40
CA PHE B 146 -4.20 3.42 13.74
C PHE B 146 -3.15 4.00 14.69
N LYS B 147 -3.20 3.56 15.96
CA LYS B 147 -2.27 4.06 16.96
C LYS B 147 -1.93 2.95 17.94
N VAL B 148 -0.76 3.09 18.57
CA VAL B 148 -0.30 2.16 19.59
C VAL B 148 0.15 2.98 20.79
N ASP B 149 0.00 2.42 21.97
CA ASP B 149 0.26 3.13 23.22
C ASP B 149 1.37 2.43 24.01
N TYR B 150 2.26 3.24 24.57
CA TYR B 150 3.29 2.76 25.48
C TYR B 150 3.26 3.62 26.75
N LYS B 151 3.84 3.09 27.82
CA LYS B 151 3.97 3.82 29.07
C LYS B 151 5.34 3.54 29.66
N PHE B 152 5.98 4.59 30.18
CA PHE B 152 7.33 4.45 30.72
C PHE B 152 7.61 5.62 31.65
N LYS B 153 8.63 5.45 32.49
CA LYS B 153 9.09 6.49 33.39
C LYS B 153 10.34 7.15 32.82
N TYR B 154 10.39 8.47 32.86
CA TYR B 154 11.49 9.24 32.32
C TYR B 154 12.27 9.89 33.47
N THR B 155 13.57 9.61 33.54
CA THR B 155 14.43 10.17 34.57
C THR B 155 15.68 10.80 33.95
N GLY B 156 15.55 11.38 32.78
CA GLY B 156 16.65 12.08 32.13
C GLY B 156 17.27 11.27 31.01
N THR B 157 18.29 11.87 30.40
CA THR B 157 18.98 11.24 29.29
C THR B 157 19.52 9.88 29.71
N PRO B 158 19.35 8.84 28.88
CA PRO B 158 19.93 7.53 29.23
C PRO B 158 21.40 7.62 29.57
N LYS B 159 21.89 6.65 30.33
CA LYS B 159 23.23 6.70 30.90
C LYS B 159 24.05 5.48 30.49
N GLY C 2 -35.88 -17.86 -15.17
CA GLY C 2 -36.31 -16.54 -14.77
C GLY C 2 -35.88 -16.18 -13.36
N GLU C 3 -34.75 -15.50 -13.24
CA GLU C 3 -34.22 -15.04 -11.96
C GLU C 3 -34.10 -13.53 -11.97
N VAL C 4 -34.50 -12.91 -10.88
CA VAL C 4 -34.56 -11.46 -10.76
C VAL C 4 -33.38 -10.99 -9.92
N PRO C 5 -32.51 -10.12 -10.43
CA PRO C 5 -31.46 -9.56 -9.58
C PRO C 5 -32.05 -8.71 -8.46
N ILE C 6 -31.31 -8.61 -7.36
CA ILE C 6 -31.71 -7.81 -6.20
C ILE C 6 -30.67 -6.71 -6.04
N GLY C 7 -31.09 -5.46 -6.25
CA GLY C 7 -30.16 -4.34 -6.11
C GLY C 7 -28.98 -4.50 -7.03
N ASP C 8 -27.80 -4.16 -6.52
CA ASP C 8 -26.56 -4.25 -7.28
C ASP C 8 -25.50 -4.93 -6.44
N PRO C 9 -24.52 -5.57 -7.08
CA PRO C 9 -23.47 -6.26 -6.31
C PRO C 9 -22.59 -5.27 -5.56
N LYS C 10 -22.00 -5.74 -4.48
CA LYS C 10 -21.05 -4.97 -3.69
C LYS C 10 -19.73 -5.71 -3.60
N GLU C 11 -18.64 -4.95 -3.55
CA GLU C 11 -17.29 -5.50 -3.56
C GLU C 11 -16.61 -5.12 -2.25
N LEU C 12 -16.63 -6.04 -1.28
CA LEU C 12 -15.96 -5.85 0.00
C LEU C 12 -15.16 -7.09 0.35
N ASN C 13 -14.10 -6.88 1.13
CA ASN C 13 -13.29 -7.98 1.66
C ASN C 13 -12.85 -8.93 0.56
N GLY C 14 -12.56 -8.38 -0.62
CA GLY C 14 -12.04 -9.18 -1.70
C GLY C 14 -13.03 -10.11 -2.37
N MET C 15 -14.32 -9.80 -2.29
CA MET C 15 -15.35 -10.64 -2.89
C MET C 15 -16.45 -9.79 -3.47
N GLU C 16 -17.03 -10.27 -4.57
CA GLU C 16 -18.24 -9.68 -5.15
C GLU C 16 -19.44 -10.37 -4.52
N ILE C 17 -20.30 -9.60 -3.87
CA ILE C 17 -21.44 -10.13 -3.14
C ILE C 17 -22.71 -9.63 -3.82
N ALA C 18 -23.40 -10.52 -4.52
CA ALA C 18 -24.62 -10.19 -5.24
C ALA C 18 -25.78 -11.00 -4.69
N ALA C 19 -26.98 -10.44 -4.82
CA ALA C 19 -28.21 -11.08 -4.37
C ALA C 19 -29.10 -11.38 -5.58
N VAL C 20 -29.85 -12.49 -5.47
CA VAL C 20 -30.70 -12.96 -6.55
C VAL C 20 -31.79 -13.81 -5.92
N TYR C 21 -32.98 -13.78 -6.52
CA TYR C 21 -34.07 -14.64 -6.04
C TYR C 21 -34.84 -15.20 -7.22
N LEU C 22 -35.21 -16.48 -7.09
CA LEU C 22 -35.90 -17.25 -8.13
C LEU C 22 -37.26 -17.69 -7.59
N GLN C 23 -37.94 -18.53 -8.37
CA GLN C 23 -39.07 -19.27 -7.86
C GLN C 23 -38.58 -20.46 -7.05
N PRO C 24 -39.43 -21.01 -6.17
CA PRO C 24 -38.99 -22.13 -5.32
C PRO C 24 -38.34 -23.24 -6.15
N ILE C 25 -37.32 -23.86 -5.58
CA ILE C 25 -36.51 -24.86 -6.26
C ILE C 25 -36.57 -26.16 -5.48
N GLU C 26 -36.75 -27.26 -6.20
CA GLU C 26 -36.68 -28.58 -5.60
C GLU C 26 -35.21 -28.96 -5.37
N MET C 27 -34.90 -29.43 -4.16
CA MET C 27 -33.52 -29.73 -3.83
C MET C 27 -33.43 -30.96 -2.94
N GLU C 28 -32.33 -31.72 -3.14
CA GLU C 28 -31.93 -32.87 -2.35
C GLU C 28 -30.68 -32.54 -1.54
N PRO C 29 -30.59 -32.95 -0.28
CA PRO C 29 -31.58 -33.64 0.56
C PRO C 29 -32.75 -32.75 0.95
N ARG C 30 -33.94 -33.32 1.08
CA ARG C 30 -35.12 -32.60 1.51
C ARG C 30 -35.24 -32.65 3.03
N GLY C 31 -35.85 -31.63 3.60
CA GLY C 31 -35.89 -31.47 5.04
C GLY C 31 -34.82 -30.50 5.50
N ILE C 32 -33.66 -30.55 4.83
CA ILE C 32 -32.63 -29.54 5.05
C ILE C 32 -33.22 -28.14 4.85
N ASP C 33 -33.86 -27.93 3.71
CA ASP C 33 -34.44 -26.64 3.36
C ASP C 33 -35.95 -26.77 3.21
N LEU C 34 -36.63 -25.63 3.26
CA LEU C 34 -38.08 -25.60 3.13
C LEU C 34 -38.48 -26.16 1.77
N ALA C 35 -39.52 -27.00 1.77
CA ALA C 35 -39.96 -27.64 0.54
C ALA C 35 -40.35 -26.60 -0.50
N ALA C 36 -40.00 -26.87 -1.76
CA ALA C 36 -40.29 -25.92 -2.82
C ALA C 36 -41.77 -25.59 -2.89
N SER C 37 -42.63 -26.59 -2.67
CA SER C 37 -44.07 -26.38 -2.77
C SER C 37 -44.61 -25.47 -1.67
N LEU C 38 -43.89 -25.30 -0.57
CA LEU C 38 -44.34 -24.51 0.55
C LEU C 38 -43.66 -23.14 0.63
N ALA C 39 -42.89 -22.77 -0.39
CA ALA C 39 -42.22 -21.47 -0.44
C ALA C 39 -42.68 -20.69 -1.66
N ASP C 40 -42.36 -19.41 -1.67
CA ASP C 40 -42.70 -18.52 -2.77
C ASP C 40 -41.50 -18.05 -3.59
N ILE C 41 -40.30 -18.09 -3.03
CA ILE C 41 -39.08 -17.71 -3.75
C ILE C 41 -37.93 -18.60 -3.28
N HIS C 42 -36.81 -18.50 -3.99
CA HIS C 42 -35.56 -19.16 -3.61
C HIS C 42 -34.49 -18.08 -3.57
N LEU C 43 -34.17 -17.60 -2.38
CA LEU C 43 -33.20 -16.53 -2.18
C LEU C 43 -31.79 -17.08 -2.35
N GLU C 44 -31.05 -16.60 -3.34
CA GLU C 44 -29.70 -17.05 -3.61
C GLU C 44 -28.71 -15.91 -3.42
N ALA C 45 -27.53 -16.25 -2.93
CA ALA C 45 -26.45 -15.29 -2.69
C ALA C 45 -25.21 -15.77 -3.42
N ASP C 46 -24.78 -14.98 -4.41
CA ASP C 46 -23.64 -15.33 -5.25
C ASP C 46 -22.42 -14.53 -4.78
N ILE C 47 -21.43 -15.22 -4.24
CA ILE C 47 -20.25 -14.59 -3.65
C ILE C 47 -19.01 -15.28 -4.23
N HIS C 48 -18.18 -14.51 -4.93
CA HIS C 48 -16.97 -15.02 -5.55
C HIS C 48 -15.80 -14.10 -5.25
N ALA C 49 -14.60 -14.65 -5.38
CA ALA C 49 -13.38 -13.89 -5.08
C ALA C 49 -13.12 -12.84 -6.16
N LEU C 50 -12.68 -11.67 -5.71
CA LEU C 50 -12.28 -10.61 -6.62
C LEU C 50 -10.84 -10.84 -7.08
N LYS C 51 -10.39 -10.00 -8.01
CA LYS C 51 -9.01 -10.04 -8.46
C LYS C 51 -8.07 -9.76 -7.30
N ASN C 52 -7.09 -10.63 -7.11
CA ASN C 52 -6.13 -10.52 -6.01
C ASN C 52 -6.84 -10.59 -4.67
N ASN C 53 -7.47 -11.74 -4.43
CA ASN C 53 -8.20 -11.94 -3.18
C ASN C 53 -7.22 -11.97 -2.01
N PRO C 54 -7.55 -11.33 -0.89
CA PRO C 54 -6.62 -11.29 0.25
C PRO C 54 -6.45 -12.62 0.95
N ASN C 55 -7.30 -13.61 0.67
CA ASN C 55 -7.27 -14.89 1.38
C ASN C 55 -6.86 -16.04 0.47
N GLY C 56 -6.11 -15.75 -0.59
CA GLY C 56 -5.54 -16.77 -1.43
C GLY C 56 -6.48 -17.41 -2.43
N PHE C 57 -7.73 -16.94 -2.52
CA PHE C 57 -8.70 -17.56 -3.42
C PHE C 57 -8.53 -17.02 -4.83
N PRO C 58 -8.32 -17.86 -5.84
CA PRO C 58 -8.18 -17.34 -7.20
C PRO C 58 -9.39 -16.53 -7.63
N GLU C 59 -9.18 -15.67 -8.63
CA GLU C 59 -10.23 -14.79 -9.10
C GLU C 59 -11.40 -15.60 -9.64
N GLY C 60 -12.61 -15.18 -9.28
CA GLY C 60 -13.83 -15.82 -9.74
C GLY C 60 -14.25 -17.05 -8.95
N PHE C 61 -13.35 -17.66 -8.21
CA PHE C 61 -13.69 -18.84 -7.42
C PHE C 61 -14.87 -18.54 -6.50
N TRP C 62 -15.65 -19.58 -6.20
CA TRP C 62 -16.72 -19.47 -5.23
C TRP C 62 -16.13 -19.48 -3.82
N MET C 63 -16.61 -18.56 -2.98
CA MET C 63 -16.14 -18.48 -1.60
C MET C 63 -16.92 -19.49 -0.76
N PRO C 64 -16.28 -20.57 -0.29
CA PRO C 64 -17.05 -21.61 0.42
C PRO C 64 -16.99 -21.48 1.93
N TYR C 65 -17.80 -22.28 2.62
CA TYR C 65 -17.79 -22.41 4.08
C TYR C 65 -18.15 -21.11 4.79
N LEU C 66 -18.67 -20.12 4.08
CA LEU C 66 -19.10 -18.90 4.73
C LEU C 66 -20.41 -19.12 5.49
N THR C 67 -20.53 -18.47 6.64
CA THR C 67 -21.77 -18.49 7.42
C THR C 67 -22.55 -17.22 7.08
N ILE C 68 -23.68 -17.39 6.40
CA ILE C 68 -24.45 -16.27 5.87
C ILE C 68 -25.87 -16.38 6.40
N ALA C 69 -26.28 -15.37 7.17
CA ALA C 69 -27.66 -15.22 7.62
C ALA C 69 -28.28 -14.03 6.91
N TYR C 70 -29.54 -14.18 6.51
CA TYR C 70 -30.24 -13.13 5.78
C TYR C 70 -31.35 -12.54 6.63
N GLU C 71 -31.60 -11.25 6.43
CA GLU C 71 -32.71 -10.54 7.07
C GLU C 71 -33.57 -9.93 5.98
N LEU C 72 -34.85 -10.29 5.96
CA LEU C 72 -35.79 -9.84 4.95
C LEU C 72 -36.88 -9.05 5.65
N LYS C 73 -36.93 -7.75 5.40
CA LYS C 73 -37.90 -6.86 6.04
C LYS C 73 -38.83 -6.28 4.98
N ASN C 74 -40.14 -6.43 5.21
CA ASN C 74 -41.14 -5.72 4.42
C ASN C 74 -41.22 -4.30 4.94
N THR C 75 -40.61 -3.36 4.21
CA THR C 75 -40.62 -1.97 4.64
C THR C 75 -42.02 -1.44 4.86
N ASP C 76 -43.00 -1.97 4.12
CA ASP C 76 -44.37 -1.45 4.22
C ASP C 76 -45.08 -1.99 5.45
N THR C 77 -44.99 -3.29 5.70
CA THR C 77 -45.64 -3.89 6.86
C THR C 77 -44.74 -3.97 8.08
N GLY C 78 -43.47 -3.62 7.95
CA GLY C 78 -42.56 -3.67 9.09
C GLY C 78 -42.28 -5.05 9.63
N ALA C 79 -42.59 -6.09 8.86
CA ALA C 79 -42.37 -7.47 9.27
C ALA C 79 -40.96 -7.90 8.88
N ILE C 80 -40.24 -8.48 9.83
CA ILE C 80 -38.87 -8.94 9.62
C ILE C 80 -38.82 -10.44 9.87
N LYS C 81 -38.15 -11.16 8.98
CA LYS C 81 -37.90 -12.58 9.15
C LYS C 81 -36.44 -12.89 8.87
N ARG C 82 -35.92 -13.92 9.53
CA ARG C 82 -34.53 -14.29 9.41
C ARG C 82 -34.41 -15.75 8.98
N GLY C 83 -33.21 -16.12 8.54
CA GLY C 83 -32.96 -17.49 8.13
C GLY C 83 -31.50 -17.68 7.78
N THR C 84 -31.20 -18.86 7.28
CA THR C 84 -29.84 -19.22 6.90
C THR C 84 -29.78 -19.58 5.43
N LEU C 85 -28.71 -19.16 4.77
CA LEU C 85 -28.47 -19.52 3.38
C LEU C 85 -27.50 -20.70 3.35
N MET C 86 -27.97 -21.82 2.85
CA MET C 86 -27.16 -23.03 2.88
C MET C 86 -26.33 -23.17 1.61
N PRO C 87 -25.16 -23.80 1.72
CA PRO C 87 -24.36 -24.06 0.52
C PRO C 87 -25.03 -25.12 -0.36
N ILE C 88 -25.20 -24.79 -1.64
CA ILE C 88 -25.88 -25.66 -2.59
C ILE C 88 -25.28 -25.43 -3.96
N VAL C 89 -25.58 -26.32 -4.90
CA VAL C 89 -25.07 -26.25 -6.26
C VAL C 89 -26.22 -26.35 -7.24
N ALA C 90 -26.10 -25.62 -8.35
CA ALA C 90 -27.05 -25.68 -9.45
C ALA C 90 -26.26 -25.94 -10.74
N ASP C 91 -26.98 -25.98 -11.86
CA ASP C 91 -26.33 -26.26 -13.13
C ASP C 91 -25.36 -25.16 -13.54
N ASP C 92 -25.45 -23.98 -12.92
CA ASP C 92 -24.54 -22.89 -13.23
C ASP C 92 -23.48 -22.67 -12.16
N GLY C 93 -23.43 -23.52 -11.13
CA GLY C 93 -22.37 -23.46 -10.16
C GLY C 93 -22.87 -23.46 -8.73
N PRO C 94 -21.94 -23.42 -7.78
CA PRO C 94 -22.32 -23.39 -6.36
C PRO C 94 -22.71 -21.98 -5.92
N HIS C 95 -23.44 -21.93 -4.82
CA HIS C 95 -23.92 -20.67 -4.25
C HIS C 95 -24.52 -20.96 -2.88
N TYR C 96 -25.11 -19.94 -2.27
CA TYR C 96 -25.84 -20.06 -1.02
C TYR C 96 -27.28 -19.69 -1.27
N GLY C 97 -28.21 -20.49 -0.75
CA GLY C 97 -29.62 -20.24 -1.03
C GLY C 97 -30.54 -20.85 -0.01
N ALA C 98 -31.81 -20.47 -0.11
CA ALA C 98 -32.85 -20.99 0.77
C ALA C 98 -34.21 -20.69 0.14
N ASN C 99 -35.15 -21.61 0.34
CA ASN C 99 -36.52 -21.43 -0.09
C ASN C 99 -37.29 -20.68 0.99
N ILE C 100 -37.84 -19.52 0.64
CA ILE C 100 -38.47 -18.63 1.60
C ILE C 100 -39.96 -18.52 1.28
N ALA C 101 -40.78 -18.58 2.32
CA ALA C 101 -42.22 -18.40 2.19
C ALA C 101 -42.53 -16.90 2.29
N MET C 102 -43.12 -16.36 1.23
CA MET C 102 -43.54 -14.96 1.22
C MET C 102 -45.03 -14.87 1.55
N GLU C 103 -45.88 -14.99 0.53
CA GLU C 103 -47.32 -15.00 0.78
C GLU C 103 -47.74 -16.20 1.62
N LYS C 104 -46.95 -17.27 1.61
CA LYS C 104 -47.30 -18.49 2.34
C LYS C 104 -46.90 -18.45 3.80
N ASP C 105 -46.10 -17.47 4.23
CA ASP C 105 -45.77 -17.32 5.65
C ASP C 105 -47.05 -16.92 6.37
N LYS C 106 -47.71 -17.90 6.99
CA LYS C 106 -49.03 -17.65 7.56
C LYS C 106 -48.99 -16.72 8.77
N LYS C 107 -47.81 -16.30 9.23
CA LYS C 107 -47.77 -15.15 10.12
C LYS C 107 -48.26 -13.90 9.42
N GLY C 108 -47.99 -13.78 8.12
CA GLY C 108 -48.47 -12.68 7.33
C GLY C 108 -47.47 -11.55 7.22
N GLY C 109 -47.78 -10.61 6.33
CA GLY C 109 -46.97 -9.42 6.16
C GLY C 109 -45.76 -9.58 5.26
N PHE C 110 -45.64 -10.70 4.55
CA PHE C 110 -44.53 -10.93 3.64
C PHE C 110 -45.04 -11.12 2.21
N GLY C 111 -46.01 -10.32 1.81
CA GLY C 111 -46.55 -10.35 0.46
C GLY C 111 -45.96 -9.27 -0.41
N VAL C 112 -46.80 -8.59 -1.17
CA VAL C 112 -46.35 -7.49 -2.02
C VAL C 112 -45.85 -6.36 -1.13
N GLY C 113 -44.65 -5.86 -1.43
CA GLY C 113 -44.11 -4.75 -0.67
C GLY C 113 -42.67 -4.40 -1.00
N ASN C 114 -42.26 -3.21 -0.58
CA ASN C 114 -40.86 -2.80 -0.70
C ASN C 114 -40.06 -3.49 0.40
N TYR C 115 -38.91 -4.06 0.02
CA TYR C 115 -38.15 -4.92 0.91
C TYR C 115 -36.72 -4.43 1.07
N GLU C 116 -36.21 -4.55 2.29
CA GLU C 116 -34.81 -4.28 2.61
C GLU C 116 -34.16 -5.61 2.98
N LEU C 117 -33.22 -6.05 2.15
CA LEU C 117 -32.55 -7.33 2.33
C LEU C 117 -31.15 -7.12 2.90
N THR C 118 -30.78 -7.94 3.87
CA THR C 118 -29.47 -7.85 4.52
C THR C 118 -28.81 -9.21 4.56
N PHE C 119 -27.54 -9.27 4.20
CA PHE C 119 -26.72 -10.46 4.34
C PHE C 119 -25.71 -10.22 5.47
N TYR C 120 -25.76 -11.06 6.49
CA TYR C 120 -24.78 -11.05 7.58
C TYR C 120 -23.78 -12.17 7.32
N ILE C 121 -22.54 -11.80 7.00
CA ILE C 121 -21.55 -12.74 6.49
C ILE C 121 -20.47 -12.93 7.55
N SER C 122 -20.14 -14.19 7.83
CA SER C 122 -19.04 -14.56 8.71
C SER C 122 -18.04 -15.40 7.93
N ASN C 123 -16.80 -15.42 8.41
CA ASN C 123 -15.71 -16.06 7.68
C ASN C 123 -15.70 -17.56 7.94
N PRO C 124 -14.94 -18.32 7.14
CA PRO C 124 -15.03 -19.79 7.21
C PRO C 124 -14.38 -20.41 8.43
N GLU C 125 -13.65 -19.64 9.25
CA GLU C 125 -12.84 -20.25 10.30
C GLU C 125 -13.66 -21.16 11.21
N LYS C 126 -14.91 -20.79 11.46
CA LYS C 126 -15.71 -21.49 12.47
C LYS C 126 -16.35 -22.76 11.95
N GLN C 127 -16.44 -22.93 10.64
CA GLN C 127 -16.81 -24.21 10.07
C GLN C 127 -15.64 -25.19 10.04
N GLY C 128 -14.52 -24.85 10.65
CA GLY C 128 -13.34 -25.68 10.65
C GLY C 128 -12.42 -25.47 9.48
N PHE C 129 -12.66 -24.45 8.66
CA PHE C 129 -11.81 -24.18 7.51
C PHE C 129 -10.52 -23.49 7.95
N GLY C 130 -9.38 -24.08 7.57
CA GLY C 130 -8.09 -23.58 7.98
C GLY C 130 -7.42 -22.77 6.89
N ARG C 131 -6.24 -22.25 7.24
CA ARG C 131 -5.46 -21.43 6.32
C ARG C 131 -3.98 -21.53 6.68
N HIS C 132 -3.13 -21.55 5.66
CA HIS C 132 -1.70 -21.52 5.88
C HIS C 132 -1.29 -20.17 6.45
N VAL C 133 -0.41 -20.20 7.45
CA VAL C 133 0.10 -18.95 8.04
C VAL C 133 1.62 -18.99 8.09
N ASP C 134 2.22 -19.81 7.24
CA ASP C 134 3.68 -19.81 7.13
C ASP C 134 4.14 -18.63 6.29
N GLU C 135 5.45 -18.36 6.36
CA GLU C 135 6.01 -17.22 5.62
C GLU C 135 5.92 -17.44 4.11
N GLU C 136 6.08 -18.69 3.66
CA GLU C 136 6.24 -18.94 2.23
C GLU C 136 4.89 -19.01 1.51
N THR C 137 3.93 -19.75 2.07
CA THR C 137 2.64 -19.97 1.43
C THR C 137 1.47 -19.44 2.25
N GLY C 138 1.72 -18.74 3.34
CA GLY C 138 0.64 -18.29 4.19
C GLY C 138 -0.25 -17.27 3.51
N VAL C 139 -1.44 -17.11 4.08
CA VAL C 139 -2.42 -16.13 3.61
C VAL C 139 -2.80 -15.22 4.78
N GLY C 140 -3.41 -14.10 4.44
CA GLY C 140 -3.76 -13.10 5.43
C GLY C 140 -4.93 -13.52 6.30
N LYS C 141 -5.28 -12.63 7.21
CA LYS C 141 -6.37 -12.88 8.15
C LYS C 141 -7.72 -12.86 7.44
N TRP C 142 -8.68 -13.56 8.01
CA TRP C 142 -10.05 -13.52 7.51
C TRP C 142 -10.75 -12.28 8.04
N PHE C 143 -11.54 -11.65 7.17
CA PHE C 143 -12.33 -10.48 7.54
C PHE C 143 -13.13 -10.74 8.81
N GLU C 144 -13.53 -9.67 9.49
CA GLU C 144 -14.46 -9.80 10.60
C GLU C 144 -15.89 -9.75 10.09
N PRO C 145 -16.84 -10.27 10.86
CA PRO C 145 -18.23 -10.31 10.40
C PRO C 145 -18.71 -8.93 9.96
N PHE C 146 -19.37 -8.88 8.79
CA PHE C 146 -19.87 -7.63 8.24
C PHE C 146 -21.27 -7.89 7.68
N LYS C 147 -21.90 -6.81 7.21
CA LYS C 147 -23.26 -6.88 6.67
C LYS C 147 -23.31 -6.21 5.31
N VAL C 148 -24.30 -6.61 4.53
CA VAL C 148 -24.52 -6.09 3.18
C VAL C 148 -26.01 -5.89 2.99
N ASP C 149 -26.40 -4.76 2.40
CA ASP C 149 -27.80 -4.37 2.30
C ASP C 149 -28.19 -4.10 0.86
N TYR C 150 -29.36 -4.58 0.47
CA TYR C 150 -29.94 -4.32 -0.84
C TYR C 150 -31.37 -3.81 -0.66
N LYS C 151 -31.93 -3.26 -1.75
CA LYS C 151 -33.32 -2.85 -1.81
C LYS C 151 -33.94 -3.44 -3.06
N PHE C 152 -35.17 -3.94 -2.94
CA PHE C 152 -35.86 -4.52 -4.08
C PHE C 152 -37.35 -4.59 -3.80
N LYS C 153 -38.13 -4.63 -4.86
CA LYS C 153 -39.58 -4.73 -4.79
C LYS C 153 -40.01 -6.16 -5.11
N TYR C 154 -40.97 -6.66 -4.35
CA TYR C 154 -41.46 -8.03 -4.50
C TYR C 154 -42.90 -7.99 -4.99
N THR C 155 -43.16 -8.62 -6.14
CA THR C 155 -44.49 -8.70 -6.71
C THR C 155 -44.92 -10.16 -6.93
N GLY C 156 -44.35 -11.09 -6.19
CA GLY C 156 -44.69 -12.49 -6.30
C GLY C 156 -43.56 -13.33 -6.88
N THR C 157 -43.83 -14.61 -6.99
CA THR C 157 -42.85 -15.54 -7.53
C THR C 157 -42.43 -15.10 -8.93
N PRO C 158 -41.14 -15.18 -9.26
CA PRO C 158 -40.72 -14.85 -10.63
C PRO C 158 -41.27 -15.83 -11.65
N LYS C 159 -41.64 -15.32 -12.81
CA LYS C 159 -42.16 -16.15 -13.90
C LYS C 159 -41.38 -15.92 -15.17
N GLY D 1 9.25 -24.43 -3.93
CA GLY D 1 10.38 -25.41 -3.90
C GLY D 1 10.24 -26.45 -2.81
N GLY D 2 9.01 -26.64 -2.34
CA GLY D 2 8.74 -27.63 -1.31
C GLY D 2 7.66 -28.61 -1.72
N GLU D 3 7.03 -28.36 -2.86
CA GLU D 3 5.98 -29.24 -3.37
C GLU D 3 6.59 -30.48 -3.99
N VAL D 4 6.13 -31.65 -3.55
CA VAL D 4 6.58 -32.93 -4.10
C VAL D 4 5.38 -33.69 -4.63
N PRO D 5 5.23 -33.85 -5.94
CA PRO D 5 4.06 -34.57 -6.46
C PRO D 5 4.10 -36.05 -6.12
N ILE D 6 2.94 -36.60 -5.80
CA ILE D 6 2.79 -38.02 -5.47
C ILE D 6 2.04 -38.69 -6.62
N GLY D 7 2.67 -39.69 -7.23
CA GLY D 7 2.04 -40.43 -8.30
C GLY D 7 1.63 -39.53 -9.45
N ASP D 8 0.56 -39.92 -10.13
CA ASP D 8 0.01 -39.17 -11.24
C ASP D 8 -1.45 -38.80 -10.97
N PRO D 9 -1.93 -37.69 -11.52
CA PRO D 9 -3.31 -37.27 -11.23
C PRO D 9 -4.32 -38.25 -11.81
N LYS D 10 -5.41 -38.43 -11.08
CA LYS D 10 -6.51 -39.30 -11.50
C LYS D 10 -7.69 -38.44 -11.94
N GLU D 11 -8.45 -38.95 -12.90
CA GLU D 11 -9.61 -38.25 -13.44
C GLU D 11 -10.79 -39.21 -13.46
N LEU D 12 -11.75 -38.98 -12.56
CA LEU D 12 -12.96 -39.80 -12.52
C LEU D 12 -14.01 -39.06 -11.71
N ASN D 13 -15.28 -39.36 -12.00
CA ASN D 13 -16.41 -38.73 -11.32
C ASN D 13 -16.41 -37.22 -11.54
N GLY D 14 -15.88 -36.77 -12.67
CA GLY D 14 -15.90 -35.36 -13.01
C GLY D 14 -14.96 -34.50 -12.20
N MET D 15 -13.86 -35.08 -11.72
N MET D 15 -13.85 -35.07 -11.72
CA MET D 15 -12.89 -34.35 -10.90
CA MET D 15 -12.89 -34.33 -10.92
C MET D 15 -11.48 -34.78 -11.29
C MET D 15 -11.48 -34.79 -11.24
N GLU D 16 -10.53 -33.87 -11.11
CA GLU D 16 -9.11 -34.17 -11.23
C GLU D 16 -8.55 -34.26 -9.81
N ILE D 17 -7.97 -35.42 -9.48
CA ILE D 17 -7.53 -35.70 -8.11
C ILE D 17 -6.01 -35.90 -8.15
N ALA D 18 -5.29 -34.94 -7.60
CA ALA D 18 -3.83 -35.00 -7.51
C ALA D 18 -3.41 -35.02 -6.04
N ALA D 19 -2.21 -35.54 -5.81
CA ALA D 19 -1.64 -35.64 -4.47
C ALA D 19 -0.28 -34.99 -4.43
N VAL D 20 -0.02 -34.22 -3.37
CA VAL D 20 1.25 -33.56 -3.15
C VAL D 20 1.46 -33.45 -1.64
N TYR D 21 2.71 -33.22 -1.23
CA TYR D 21 3.00 -33.00 0.18
C TYR D 21 4.16 -32.03 0.33
N LEU D 22 4.03 -31.13 1.31
CA LEU D 22 5.02 -30.11 1.62
C LEU D 22 5.76 -30.48 2.90
N GLN D 23 6.58 -29.56 3.38
CA GLN D 23 7.08 -29.63 4.74
C GLN D 23 5.94 -29.27 5.68
N PRO D 24 6.09 -29.51 6.98
CA PRO D 24 5.06 -29.10 7.93
C PRO D 24 4.72 -27.62 7.78
N ILE D 25 3.43 -27.31 7.82
CA ILE D 25 2.93 -25.95 7.60
C ILE D 25 2.24 -25.50 8.87
N GLU D 26 2.53 -24.27 9.29
CA GLU D 26 1.83 -23.66 10.41
C GLU D 26 0.48 -23.16 9.94
N MET D 27 -0.58 -23.52 10.67
CA MET D 27 -1.94 -23.27 10.24
C MET D 27 -2.74 -22.66 11.38
N GLU D 28 -3.59 -21.70 11.05
CA GLU D 28 -4.54 -21.15 12.01
C GLU D 28 -5.96 -21.47 11.56
N PRO D 29 -6.89 -21.72 12.49
CA PRO D 29 -6.70 -21.73 13.95
C PRO D 29 -5.87 -22.91 14.45
N ARG D 30 -4.98 -22.65 15.41
CA ARG D 30 -4.09 -23.68 15.93
C ARG D 30 -4.83 -24.60 16.89
N GLY D 31 -4.34 -25.83 17.01
CA GLY D 31 -4.99 -26.87 17.78
C GLY D 31 -5.96 -27.70 16.98
N ILE D 32 -6.55 -27.13 15.93
CA ILE D 32 -7.41 -27.88 15.03
C ILE D 32 -6.63 -29.03 14.39
N ASP D 33 -5.50 -28.69 13.76
CA ASP D 33 -4.65 -29.67 13.10
C ASP D 33 -3.37 -29.86 13.91
N LEU D 34 -2.69 -30.98 13.64
CA LEU D 34 -1.43 -31.26 14.33
C LEU D 34 -0.44 -30.12 14.10
N ALA D 35 0.25 -29.73 15.17
CA ALA D 35 1.20 -28.62 15.08
C ALA D 35 2.32 -28.98 14.11
N ALA D 36 2.76 -27.97 13.34
CA ALA D 36 3.86 -28.17 12.42
C ALA D 36 5.12 -28.62 13.15
N SER D 37 5.32 -28.16 14.39
CA SER D 37 6.50 -28.54 15.15
C SER D 37 6.55 -30.03 15.46
N LEU D 38 5.40 -30.70 15.47
CA LEU D 38 5.32 -32.11 15.81
C LEU D 38 4.97 -32.98 14.60
N ALA D 39 5.17 -32.46 13.39
CA ALA D 39 4.87 -33.20 12.17
C ALA D 39 6.09 -33.18 11.25
N ASP D 40 6.12 -34.15 10.33
CA ASP D 40 7.21 -34.27 9.37
C ASP D 40 6.83 -33.85 7.95
N ILE D 41 5.54 -33.87 7.61
CA ILE D 41 5.06 -33.52 6.27
C ILE D 41 3.70 -32.85 6.39
N HIS D 42 3.29 -32.21 5.29
CA HIS D 42 1.95 -31.63 5.16
C HIS D 42 1.34 -32.26 3.90
N LEU D 43 0.59 -33.34 4.09
CA LEU D 43 -0.05 -34.02 2.97
C LEU D 43 -1.24 -33.19 2.49
N GLU D 44 -1.34 -32.99 1.18
CA GLU D 44 -2.41 -32.20 0.60
C GLU D 44 -2.97 -32.91 -0.63
N ALA D 45 -4.28 -32.76 -0.82
CA ALA D 45 -4.98 -33.34 -1.96
C ALA D 45 -5.63 -32.21 -2.75
N ASP D 46 -5.32 -32.15 -4.05
CA ASP D 46 -5.83 -31.11 -4.93
C ASP D 46 -6.93 -31.70 -5.80
N ILE D 47 -8.16 -31.22 -5.61
CA ILE D 47 -9.34 -31.74 -6.30
C ILE D 47 -10.07 -30.58 -6.94
N HIS D 48 -10.27 -30.66 -8.26
CA HIS D 48 -10.95 -29.61 -9.01
C HIS D 48 -11.87 -30.23 -10.04
N ALA D 49 -12.90 -29.48 -10.40
CA ALA D 49 -13.85 -29.95 -11.41
C ALA D 49 -13.23 -29.93 -12.79
N LEU D 50 -13.50 -30.98 -13.56
CA LEU D 50 -13.08 -31.02 -14.95
C LEU D 50 -14.06 -30.24 -15.82
N LYS D 51 -13.71 -30.09 -17.09
CA LYS D 51 -14.60 -29.43 -18.02
C LYS D 51 -15.88 -30.24 -18.20
N ASN D 52 -17.02 -29.56 -18.17
CA ASN D 52 -18.32 -30.21 -18.30
C ASN D 52 -18.57 -31.16 -17.14
N ASN D 53 -18.54 -30.60 -15.93
CA ASN D 53 -18.67 -31.40 -14.72
C ASN D 53 -20.11 -31.88 -14.56
N PRO D 54 -20.31 -33.13 -14.14
CA PRO D 54 -21.68 -33.64 -14.01
C PRO D 54 -22.48 -33.00 -12.90
N ASN D 55 -21.84 -32.42 -11.89
CA ASN D 55 -22.54 -31.86 -10.73
C ASN D 55 -22.62 -30.34 -10.79
N GLY D 56 -22.45 -29.74 -11.96
CA GLY D 56 -22.68 -28.32 -12.15
C GLY D 56 -21.56 -27.41 -11.71
N PHE D 57 -20.36 -27.94 -11.47
CA PHE D 57 -19.25 -27.12 -11.03
C PHE D 57 -18.45 -26.63 -12.25
N PRO D 58 -18.26 -25.33 -12.42
CA PRO D 58 -17.48 -24.86 -13.57
C PRO D 58 -16.10 -25.49 -13.61
N GLU D 59 -15.51 -25.49 -14.81
CA GLU D 59 -14.20 -26.09 -15.01
C GLU D 59 -13.15 -25.40 -14.15
N GLY D 60 -12.36 -26.21 -13.43
CA GLY D 60 -11.28 -25.70 -12.63
C GLY D 60 -11.64 -25.33 -11.21
N PHE D 61 -12.93 -25.25 -10.89
CA PHE D 61 -13.35 -24.88 -9.54
C PHE D 61 -12.88 -25.93 -8.53
N TRP D 62 -12.44 -25.47 -7.36
CA TRP D 62 -12.16 -26.37 -6.26
C TRP D 62 -13.44 -27.04 -5.81
N MET D 63 -13.36 -28.33 -5.49
CA MET D 63 -14.51 -29.10 -5.06
C MET D 63 -14.62 -29.02 -3.55
N PRO D 64 -15.62 -28.31 -2.99
CA PRO D 64 -15.65 -28.10 -1.54
C PRO D 64 -16.52 -29.11 -0.81
N TYR D 65 -16.48 -29.06 0.52
CA TYR D 65 -17.32 -29.84 1.41
C TYR D 65 -17.14 -31.35 1.24
N LEU D 66 -16.11 -31.79 0.53
CA LEU D 66 -15.80 -33.21 0.46
C LEU D 66 -15.27 -33.69 1.80
N THR D 67 -15.62 -34.92 2.15
CA THR D 67 -15.09 -35.59 3.34
C THR D 67 -14.06 -36.61 2.86
N ILE D 68 -12.79 -36.30 3.03
CA ILE D 68 -11.69 -37.07 2.46
C ILE D 68 -10.89 -37.69 3.60
N ALA D 69 -10.81 -39.02 3.61
CA ALA D 69 -9.98 -39.75 4.55
C ALA D 69 -8.76 -40.29 3.81
N TYR D 70 -7.60 -40.19 4.45
CA TYR D 70 -6.35 -40.68 3.88
C TYR D 70 -5.87 -41.89 4.68
N GLU D 71 -5.24 -42.83 3.97
CA GLU D 71 -4.64 -44.00 4.57
C GLU D 71 -3.24 -44.17 3.99
N LEU D 72 -2.22 -44.08 4.84
CA LEU D 72 -0.83 -44.11 4.41
C LEU D 72 -0.18 -45.37 4.96
N LYS D 73 0.36 -46.19 4.07
CA LYS D 73 0.97 -47.46 4.42
C LYS D 73 2.45 -47.43 4.09
N ASN D 74 3.28 -47.79 5.05
CA ASN D 74 4.71 -48.02 4.79
C ASN D 74 4.87 -49.49 4.43
N THR D 75 5.01 -49.78 3.14
CA THR D 75 5.07 -51.16 2.69
C THR D 75 6.36 -51.86 3.12
N ASP D 76 7.42 -51.10 3.40
CA ASP D 76 8.65 -51.71 3.87
C ASP D 76 8.50 -52.20 5.30
N THR D 77 7.73 -51.48 6.13
CA THR D 77 7.49 -51.88 7.50
C THR D 77 6.07 -52.36 7.75
N GLY D 78 5.15 -52.16 6.80
CA GLY D 78 3.78 -52.60 6.95
C GLY D 78 2.94 -51.76 7.89
N ALA D 79 3.47 -50.68 8.43
CA ALA D 79 2.71 -49.85 9.36
C ALA D 79 1.63 -49.07 8.62
N ILE D 80 0.49 -48.89 9.27
CA ILE D 80 -0.67 -48.23 8.68
C ILE D 80 -1.12 -47.11 9.61
N LYS D 81 -1.53 -45.99 9.01
CA LYS D 81 -2.10 -44.89 9.78
C LYS D 81 -3.21 -44.25 8.97
N ARG D 82 -4.29 -43.88 9.65
CA ARG D 82 -5.46 -43.27 9.03
C ARG D 82 -5.66 -41.86 9.57
N GLY D 83 -6.36 -41.04 8.80
CA GLY D 83 -6.62 -39.67 9.20
C GLY D 83 -7.49 -38.98 8.19
N THR D 84 -7.69 -37.68 8.42
CA THR D 84 -8.55 -36.85 7.59
C THR D 84 -7.78 -35.66 7.06
N LEU D 85 -8.11 -35.25 5.84
CA LEU D 85 -7.57 -34.05 5.22
C LEU D 85 -8.56 -32.91 5.37
N MET D 86 -8.05 -31.68 5.28
CA MET D 86 -8.87 -30.56 5.70
C MET D 86 -9.12 -29.57 4.59
N PRO D 87 -10.34 -29.07 4.47
CA PRO D 87 -10.59 -27.89 3.64
C PRO D 87 -9.83 -26.68 4.16
N ILE D 88 -8.78 -26.27 3.45
CA ILE D 88 -7.93 -25.15 3.85
C ILE D 88 -7.60 -24.33 2.61
N VAL D 89 -6.87 -23.24 2.80
CA VAL D 89 -6.46 -22.36 1.72
C VAL D 89 -5.05 -21.88 1.98
N ALA D 90 -4.21 -21.93 0.95
CA ALA D 90 -2.88 -21.34 0.97
C ALA D 90 -2.85 -20.20 -0.04
N ASP D 91 -1.65 -19.67 -0.29
CA ASP D 91 -1.50 -18.64 -1.32
C ASP D 91 -1.77 -19.18 -2.71
N ASP D 92 -1.81 -20.50 -2.89
CA ASP D 92 -2.13 -21.11 -4.17
C ASP D 92 -3.64 -21.26 -4.39
N GLY D 93 -4.42 -21.26 -3.32
CA GLY D 93 -5.84 -21.51 -3.41
C GLY D 93 -6.27 -22.61 -2.47
N PRO D 94 -7.58 -22.84 -2.39
CA PRO D 94 -8.08 -23.87 -1.45
C PRO D 94 -7.65 -25.26 -1.87
N HIS D 95 -7.63 -26.15 -0.88
CA HIS D 95 -7.23 -27.54 -1.09
C HIS D 95 -7.61 -28.33 0.15
N TYR D 96 -7.25 -29.61 0.15
CA TYR D 96 -7.44 -30.49 1.30
C TYR D 96 -6.06 -30.95 1.77
N GLY D 97 -5.82 -30.86 3.08
CA GLY D 97 -4.52 -31.23 3.59
C GLY D 97 -4.54 -31.54 5.08
N ALA D 98 -3.33 -31.78 5.60
CA ALA D 98 -3.14 -32.10 7.00
C ALA D 98 -1.65 -32.24 7.31
N ASN D 99 -1.25 -31.95 8.56
CA ASN D 99 0.11 -32.17 9.00
C ASN D 99 0.22 -33.57 9.59
N ILE D 100 1.21 -34.33 9.13
CA ILE D 100 1.35 -35.73 9.49
C ILE D 100 2.76 -35.97 10.00
N ALA D 101 2.85 -36.62 11.16
CA ALA D 101 4.14 -37.02 11.71
C ALA D 101 4.57 -38.36 11.10
N MET D 102 5.81 -38.41 10.60
CA MET D 102 6.33 -39.62 9.98
C MET D 102 7.41 -40.18 10.90
N GLU D 103 8.66 -39.75 10.77
CA GLU D 103 9.68 -40.19 11.71
C GLU D 103 9.29 -39.86 13.14
N LYS D 104 8.59 -38.73 13.34
CA LYS D 104 8.28 -38.27 14.68
C LYS D 104 7.08 -38.93 15.32
N ASP D 105 6.29 -39.72 14.58
CA ASP D 105 5.16 -40.38 15.21
C ASP D 105 5.69 -41.59 15.97
N LYS D 106 5.51 -41.56 17.29
CA LYS D 106 6.15 -42.53 18.18
C LYS D 106 5.83 -43.96 17.78
N LYS D 107 4.62 -44.20 17.28
CA LYS D 107 4.14 -45.52 16.92
C LYS D 107 5.21 -46.36 16.22
N GLY D 108 6.03 -45.72 15.39
CA GLY D 108 7.08 -46.42 14.69
C GLY D 108 6.59 -47.08 13.42
N GLY D 109 7.47 -47.19 12.43
CA GLY D 109 7.13 -47.81 11.16
C GLY D 109 6.81 -46.84 10.04
N PHE D 110 6.72 -45.55 10.34
CA PHE D 110 6.43 -44.52 9.34
C PHE D 110 7.64 -43.63 9.09
N GLY D 111 8.82 -44.23 8.99
CA GLY D 111 10.02 -43.53 8.58
C GLY D 111 10.20 -43.59 7.08
N VAL D 112 11.43 -43.44 6.64
CA VAL D 112 11.78 -43.42 5.27
C VAL D 112 11.37 -44.72 4.62
N GLY D 113 10.87 -44.72 3.41
CA GLY D 113 10.50 -45.94 2.78
C GLY D 113 9.46 -45.76 1.72
N ASN D 114 9.02 -46.88 1.15
CA ASN D 114 8.04 -46.93 0.08
C ASN D 114 6.68 -46.86 0.67
N TYR D 115 5.84 -45.97 0.18
CA TYR D 115 4.54 -45.84 0.76
C TYR D 115 3.43 -45.95 -0.26
N GLU D 116 2.29 -46.38 0.25
CA GLU D 116 1.09 -46.48 -0.54
C GLU D 116 0.09 -45.52 0.09
N LEU D 117 -0.36 -44.53 -0.66
CA LEU D 117 -1.31 -43.53 -0.17
C LEU D 117 -2.68 -43.79 -0.78
N THR D 118 -3.71 -43.78 0.06
CA THR D 118 -5.07 -44.02 -0.38
C THR D 118 -5.97 -42.89 0.10
N PHE D 119 -6.76 -42.32 -0.81
CA PHE D 119 -7.76 -41.33 -0.48
C PHE D 119 -9.14 -41.98 -0.57
N TYR D 120 -9.95 -41.79 0.47
CA TYR D 120 -11.33 -42.29 0.50
C TYR D 120 -12.24 -41.08 0.43
N ILE D 121 -12.82 -40.83 -0.73
CA ILE D 121 -13.56 -39.61 -1.02
C ILE D 121 -15.05 -39.92 -1.01
N SER D 122 -15.79 -39.20 -0.18
CA SER D 122 -17.25 -39.26 -0.15
C SER D 122 -17.81 -37.90 -0.57
N ASN D 123 -19.09 -37.89 -0.93
CA ASN D 123 -19.69 -36.71 -1.55
C ASN D 123 -20.06 -35.67 -0.49
N PRO D 124 -20.38 -34.45 -0.91
CA PRO D 124 -20.60 -33.36 0.05
C PRO D 124 -21.93 -33.41 0.78
N GLU D 125 -22.85 -34.29 0.41
CA GLU D 125 -24.20 -34.24 0.97
C GLU D 125 -24.21 -34.43 2.48
N LYS D 126 -23.19 -35.06 3.06
CA LYS D 126 -23.20 -35.35 4.48
C LYS D 126 -22.83 -34.14 5.33
N GLN D 127 -22.16 -33.15 4.76
CA GLN D 127 -21.87 -31.90 5.43
C GLN D 127 -23.01 -30.89 5.31
N GLY D 128 -24.14 -31.29 4.73
CA GLY D 128 -25.26 -30.40 4.54
C GLY D 128 -25.26 -29.67 3.22
N PHE D 129 -24.51 -30.14 2.23
CA PHE D 129 -24.44 -29.49 0.93
C PHE D 129 -25.63 -29.91 0.09
N GLY D 130 -26.41 -28.92 -0.38
CA GLY D 130 -27.62 -29.19 -1.13
C GLY D 130 -27.37 -29.32 -2.61
N ARG D 131 -28.44 -29.64 -3.33
CA ARG D 131 -28.39 -29.87 -4.77
C ARG D 131 -29.71 -29.44 -5.39
N HIS D 132 -29.63 -28.70 -6.50
CA HIS D 132 -30.81 -28.45 -7.31
C HIS D 132 -31.20 -29.74 -8.04
N VAL D 133 -32.47 -30.11 -7.95
CA VAL D 133 -32.99 -31.28 -8.64
C VAL D 133 -34.16 -30.95 -9.55
N ASP D 134 -34.53 -29.68 -9.67
CA ASP D 134 -35.51 -29.29 -10.66
C ASP D 134 -34.96 -29.57 -12.05
N GLU D 135 -35.86 -29.58 -13.04
CA GLU D 135 -35.46 -29.99 -14.39
C GLU D 135 -34.81 -28.86 -15.18
N GLU D 136 -35.04 -27.60 -14.79
CA GLU D 136 -34.39 -26.49 -15.49
C GLU D 136 -32.96 -26.29 -15.01
N THR D 137 -32.76 -26.24 -13.69
CA THR D 137 -31.46 -25.92 -13.13
C THR D 137 -30.86 -27.04 -12.29
N GLY D 138 -31.50 -28.21 -12.23
CA GLY D 138 -30.94 -29.32 -11.47
C GLY D 138 -29.63 -29.80 -12.07
N VAL D 139 -28.93 -30.62 -11.29
CA VAL D 139 -27.64 -31.16 -11.68
C VAL D 139 -27.62 -32.66 -11.44
N GLY D 140 -26.56 -33.29 -11.93
CA GLY D 140 -26.40 -34.71 -11.76
C GLY D 140 -26.31 -35.11 -10.30
N LYS D 141 -26.64 -36.37 -10.06
CA LYS D 141 -26.61 -36.97 -8.74
C LYS D 141 -25.18 -37.21 -8.29
N TRP D 142 -24.92 -37.04 -7.00
CA TRP D 142 -23.57 -37.14 -6.49
C TRP D 142 -23.02 -38.56 -6.60
N PHE D 143 -21.71 -38.66 -6.81
CA PHE D 143 -21.04 -39.94 -6.92
C PHE D 143 -21.19 -40.75 -5.64
N GLU D 144 -20.90 -42.07 -5.76
CA GLU D 144 -20.83 -42.95 -4.59
C GLU D 144 -19.42 -42.96 -4.03
N PRO D 145 -19.25 -43.27 -2.74
CA PRO D 145 -17.90 -43.26 -2.15
C PRO D 145 -16.92 -44.14 -2.93
N PHE D 146 -15.82 -43.54 -3.38
CA PHE D 146 -14.78 -44.24 -4.12
C PHE D 146 -13.45 -44.00 -3.43
N LYS D 147 -12.38 -44.52 -4.02
CA LYS D 147 -11.04 -44.37 -3.45
C LYS D 147 -10.04 -44.12 -4.56
N VAL D 148 -8.89 -43.59 -4.16
CA VAL D 148 -7.79 -43.27 -5.06
C VAL D 148 -6.50 -43.75 -4.42
N ASP D 149 -5.55 -44.18 -5.26
CA ASP D 149 -4.31 -44.77 -4.78
C ASP D 149 -3.11 -44.16 -5.48
N TYR D 150 -2.03 -43.95 -4.73
CA TYR D 150 -0.76 -43.53 -5.28
C TYR D 150 0.36 -44.34 -4.62
N LYS D 151 1.55 -44.21 -5.19
CA LYS D 151 2.77 -44.77 -4.61
C LYS D 151 3.87 -43.72 -4.72
N PHE D 152 4.63 -43.54 -3.64
CA PHE D 152 5.70 -42.56 -3.64
C PHE D 152 6.81 -43.01 -2.71
N LYS D 153 7.99 -42.44 -2.92
CA LYS D 153 9.18 -42.73 -2.13
C LYS D 153 9.39 -41.59 -1.14
N TYR D 154 9.32 -41.89 0.15
CA TYR D 154 9.44 -40.89 1.20
C TYR D 154 10.87 -40.84 1.71
N THR D 155 11.51 -39.67 1.56
CA THR D 155 12.88 -39.47 1.99
C THR D 155 12.97 -38.62 3.26
N GLY D 156 11.85 -38.12 3.76
CA GLY D 156 11.84 -37.17 4.86
C GLY D 156 11.17 -35.87 4.44
N THR D 157 11.28 -34.88 5.31
CA THR D 157 10.71 -33.58 5.00
C THR D 157 11.27 -33.06 3.69
N PRO D 158 10.45 -32.52 2.79
CA PRO D 158 10.98 -32.01 1.52
C PRO D 158 11.98 -30.89 1.73
N LYS D 159 13.06 -30.92 0.95
CA LYS D 159 14.10 -29.90 1.04
C LYS D 159 13.89 -28.85 -0.05
N GLY E 1 -23.39 22.24 -3.07
CA GLY E 1 -22.81 22.30 -1.70
C GLY E 1 -22.28 23.68 -1.34
N GLY E 2 -20.97 23.85 -1.45
CA GLY E 2 -20.34 25.13 -1.19
C GLY E 2 -19.33 25.08 -0.06
N GLU E 3 -18.46 26.08 -0.01
CA GLU E 3 -17.44 26.16 1.03
C GLU E 3 -18.05 26.66 2.33
N VAL E 4 -17.68 26.01 3.44
CA VAL E 4 -18.13 26.42 4.76
C VAL E 4 -16.91 26.87 5.56
N PRO E 5 -16.73 28.17 5.80
CA PRO E 5 -15.54 28.61 6.56
C PRO E 5 -15.61 28.16 8.01
N ILE E 6 -14.45 27.78 8.54
CA ILE E 6 -14.31 27.33 9.92
C ILE E 6 -13.62 28.44 10.71
N GLY E 7 -14.31 28.99 11.69
CA GLY E 7 -13.73 30.03 12.52
C GLY E 7 -13.28 31.22 11.68
N ASP E 8 -12.16 31.80 12.09
CA ASP E 8 -11.58 32.94 11.39
C ASP E 8 -10.10 32.66 11.11
N PRO E 9 -9.53 33.29 10.09
CA PRO E 9 -8.14 33.00 9.74
C PRO E 9 -7.17 33.48 10.80
N LYS E 10 -6.03 32.80 10.87
CA LYS E 10 -4.95 33.16 11.78
C LYS E 10 -3.79 33.75 11.00
N GLU E 11 -3.07 34.67 11.64
CA GLU E 11 -1.90 35.31 11.04
C GLU E 11 -0.73 35.19 12.01
N LEU E 12 0.20 34.28 11.69
CA LEU E 12 1.40 34.11 12.51
C LEU E 12 2.44 33.37 11.69
N ASN E 13 3.71 33.63 12.00
CA ASN E 13 4.84 33.03 11.30
C ASN E 13 4.85 33.41 9.82
N GLY E 14 4.41 34.62 9.50
CA GLY E 14 4.40 35.07 8.12
C GLY E 14 3.47 34.29 7.22
N MET E 15 2.34 33.82 7.75
N MET E 15 2.34 33.84 7.74
CA MET E 15 1.40 33.02 7.00
CA MET E 15 1.40 33.03 6.97
C MET E 15 -0.03 33.39 7.40
C MET E 15 -0.02 33.36 7.41
N GLU E 16 -0.96 33.23 6.47
CA GLU E 16 -2.38 33.31 6.76
C GLU E 16 -2.91 31.88 6.73
N ILE E 17 -3.53 31.46 7.82
CA ILE E 17 -3.98 30.08 7.99
C ILE E 17 -5.48 30.10 8.21
N ALA E 18 -6.22 29.64 7.21
CA ALA E 18 -7.68 29.57 7.27
C ALA E 18 -8.13 28.13 7.11
N ALA E 19 -9.27 27.81 7.70
CA ALA E 19 -9.85 26.48 7.65
C ALA E 19 -11.21 26.53 6.96
N VAL E 20 -11.43 25.59 6.04
CA VAL E 20 -12.69 25.47 5.33
C VAL E 20 -12.98 23.99 5.12
N TYR E 21 -14.26 23.64 5.03
CA TYR E 21 -14.65 22.27 4.73
C TYR E 21 -15.84 22.29 3.78
N LEU E 22 -15.82 21.38 2.82
CA LEU E 22 -16.88 21.22 1.83
C LEU E 22 -17.24 19.74 1.73
N GLN E 23 -18.19 19.41 0.86
CA GLN E 23 -18.63 18.04 0.73
C GLN E 23 -17.49 17.17 0.20
N PRO E 24 -17.56 15.85 0.41
CA PRO E 24 -16.51 14.97 -0.09
C PRO E 24 -16.22 15.22 -1.56
N ILE E 25 -14.95 15.16 -1.92
CA ILE E 25 -14.48 15.49 -3.27
C ILE E 25 -13.77 14.29 -3.85
N GLU E 26 -14.18 13.90 -5.05
CA GLU E 26 -13.46 12.86 -5.79
C GLU E 26 -12.06 13.35 -6.11
N MET E 27 -11.06 12.53 -5.81
CA MET E 27 -9.67 12.92 -5.97
C MET E 27 -8.91 11.90 -6.79
N GLU E 28 -7.79 12.35 -7.36
CA GLU E 28 -6.86 11.50 -8.08
C GLU E 28 -5.44 11.90 -7.69
N PRO E 29 -4.50 10.94 -7.58
CA PRO E 29 -4.69 9.49 -7.76
C PRO E 29 -5.52 8.87 -6.64
N ARG E 30 -6.38 7.92 -7.00
CA ARG E 30 -7.28 7.30 -6.04
C ARG E 30 -6.49 6.48 -5.02
N GLY E 31 -7.15 6.18 -3.90
CA GLY E 31 -6.55 5.39 -2.84
C GLY E 31 -5.61 6.14 -1.93
N ILE E 32 -5.02 7.25 -2.39
CA ILE E 32 -4.15 8.04 -1.52
C ILE E 32 -4.93 8.59 -0.34
N ASP E 33 -6.15 9.06 -0.59
CA ASP E 33 -6.99 9.64 0.44
C ASP E 33 -8.31 8.91 0.54
N LEU E 34 -8.93 9.01 1.71
CA LEU E 34 -10.24 8.40 1.95
C LEU E 34 -11.20 8.71 0.81
N ALA E 35 -11.80 7.67 0.26
CA ALA E 35 -12.67 7.83 -0.90
C ALA E 35 -13.85 8.72 -0.56
N ALA E 36 -14.30 9.48 -1.57
CA ALA E 36 -15.42 10.40 -1.36
C ALA E 36 -16.66 9.66 -0.89
N SER E 37 -16.87 8.43 -1.38
CA SER E 37 -18.05 7.66 -1.00
C SER E 37 -18.07 7.36 0.50
N LEU E 38 -16.90 7.22 1.11
CA LEU E 38 -16.80 6.84 2.51
C LEU E 38 -16.67 8.03 3.44
N ALA E 39 -16.66 9.25 2.91
CA ALA E 39 -16.45 10.45 3.71
C ALA E 39 -17.72 11.29 3.77
N ASP E 40 -17.74 12.19 4.76
CA ASP E 40 -18.84 13.14 4.93
C ASP E 40 -18.43 14.58 4.68
N ILE E 41 -17.15 14.91 4.79
CA ILE E 41 -16.66 16.27 4.54
C ILE E 41 -15.29 16.18 3.88
N HIS E 42 -14.83 17.32 3.38
CA HIS E 42 -13.50 17.47 2.78
C HIS E 42 -12.82 18.63 3.50
N LEU E 43 -12.06 18.32 4.54
CA LEU E 43 -11.37 19.34 5.32
C LEU E 43 -10.21 19.91 4.51
N GLU E 44 -10.08 21.24 4.53
CA GLU E 44 -9.05 21.93 3.76
C GLU E 44 -8.38 22.99 4.62
N ALA E 45 -7.09 23.18 4.40
CA ALA E 45 -6.29 24.18 5.12
C ALA E 45 -5.71 25.15 4.10
N ASP E 46 -6.10 26.42 4.20
CA ASP E 46 -5.64 27.46 3.28
C ASP E 46 -4.47 28.18 3.94
N ILE E 47 -3.26 27.96 3.40
CA ILE E 47 -2.03 28.49 3.96
C ILE E 47 -1.30 29.23 2.85
N HIS E 48 -1.14 30.54 3.01
CA HIS E 48 -0.44 31.36 2.04
C HIS E 48 0.47 32.35 2.75
N ALA E 49 1.50 32.80 2.05
CA ALA E 49 2.47 33.71 2.62
C ALA E 49 1.84 35.09 2.86
N LEU E 50 2.19 35.69 3.99
CA LEU E 50 1.80 37.06 4.26
C LEU E 50 2.71 38.02 3.52
N LYS E 51 2.27 39.26 3.40
CA LYS E 51 3.12 40.30 2.82
C LYS E 51 4.33 40.51 3.72
N ASN E 52 5.51 40.60 3.10
CA ASN E 52 6.77 40.74 3.84
C ASN E 52 7.10 39.42 4.56
N ASN E 53 7.07 38.33 3.81
CA ASN E 53 7.26 37.01 4.40
C ASN E 53 8.72 36.84 4.85
N PRO E 54 8.97 36.28 6.03
CA PRO E 54 10.35 36.11 6.49
C PRO E 54 11.10 34.99 5.80
N ASN E 55 10.40 34.01 5.21
CA ASN E 55 11.04 32.85 4.61
C ASN E 55 11.19 32.98 3.10
N GLY E 56 11.08 34.19 2.56
CA GLY E 56 11.36 34.40 1.15
C GLY E 56 10.25 34.04 0.20
N PHE E 57 9.02 33.89 0.69
CA PHE E 57 7.90 33.52 -0.16
C PHE E 57 7.13 34.76 -0.57
N PRO E 58 6.99 35.06 -1.86
CA PRO E 58 6.19 36.22 -2.27
C PRO E 58 4.82 36.24 -1.60
N GLU E 59 4.29 37.45 -1.44
CA GLU E 59 2.98 37.61 -0.82
C GLU E 59 1.92 36.82 -1.58
N GLY E 60 1.08 36.10 -0.83
CA GLY E 60 -0.02 35.38 -1.41
C GLY E 60 0.31 34.02 -1.98
N PHE E 61 1.59 33.69 -2.14
CA PHE E 61 1.98 32.38 -2.63
C PHE E 61 1.46 31.29 -1.70
N TRP E 62 1.25 30.11 -2.28
CA TRP E 62 0.92 28.94 -1.46
C TRP E 62 2.16 28.44 -0.75
N MET E 63 2.01 28.10 0.53
CA MET E 63 3.12 27.57 1.33
C MET E 63 3.22 26.08 1.07
N PRO E 64 4.22 25.62 0.31
CA PRO E 64 4.27 24.21 -0.07
C PRO E 64 5.13 23.38 0.88
N TYR E 65 5.01 22.06 0.73
CA TYR E 65 5.82 21.07 1.43
C TYR E 65 5.63 21.10 2.94
N LEU E 66 4.59 21.76 3.44
CA LEU E 66 4.31 21.75 4.86
C LEU E 66 3.80 20.38 5.29
N THR E 67 4.06 20.04 6.55
CA THR E 67 3.53 18.82 7.16
C THR E 67 2.45 19.25 8.14
N ILE E 68 1.20 19.07 7.74
CA ILE E 68 0.05 19.54 8.52
C ILE E 68 -0.73 18.31 8.99
N ALA E 69 -0.75 18.10 10.30
CA ALA E 69 -1.62 17.12 10.93
C ALA E 69 -2.78 17.83 11.59
N TYR E 70 -3.98 17.26 11.47
CA TYR E 70 -5.18 17.85 12.03
C TYR E 70 -5.73 16.96 13.15
N GLU E 71 -6.38 17.61 14.12
CA GLU E 71 -7.03 16.91 15.22
C GLU E 71 -8.46 17.45 15.33
N LEU E 72 -9.44 16.57 15.17
CA LEU E 72 -10.84 16.95 15.21
C LEU E 72 -11.49 16.30 16.43
N LYS E 73 -12.00 17.13 17.33
CA LYS E 73 -12.59 16.69 18.58
C LYS E 73 -14.05 17.14 18.62
N ASN E 74 -14.93 16.22 19.01
CA ASN E 74 -16.34 16.54 19.22
C ASN E 74 -16.50 17.01 20.66
N THR E 75 -16.88 18.29 20.82
CA THR E 75 -17.01 18.87 22.15
C THR E 75 -18.04 18.13 22.99
N ASP E 76 -19.03 17.50 22.35
CA ASP E 76 -20.15 16.90 23.06
C ASP E 76 -19.96 15.42 23.35
N THR E 77 -19.23 14.69 22.51
CA THR E 77 -19.01 13.27 22.71
C THR E 77 -17.61 12.93 23.19
N GLY E 78 -16.66 13.87 23.11
CA GLY E 78 -15.30 13.62 23.53
C GLY E 78 -14.48 12.79 22.57
N ALA E 79 -15.03 12.40 21.43
CA ALA E 79 -14.30 11.61 20.45
C ALA E 79 -13.30 12.50 19.70
N ILE E 80 -12.07 12.01 19.56
CA ILE E 80 -11.00 12.75 18.89
C ILE E 80 -10.53 11.94 17.70
N LYS E 81 -10.30 12.64 16.58
CA LYS E 81 -9.83 12.02 15.35
C LYS E 81 -8.57 12.73 14.89
N ARG E 82 -7.60 11.95 14.42
N ARG E 82 -7.60 11.95 14.41
CA ARG E 82 -6.33 12.49 13.94
CA ARG E 82 -6.32 12.46 13.94
C ARG E 82 -6.08 11.99 12.52
C ARG E 82 -6.07 11.98 12.52
N GLY E 83 -5.58 12.87 11.68
CA GLY E 83 -5.27 12.53 10.31
C GLY E 83 -4.28 13.50 9.71
N THR E 84 -4.06 13.34 8.40
CA THR E 84 -3.11 14.16 7.66
C THR E 84 -3.82 14.87 6.52
N LEU E 85 -3.48 16.13 6.32
CA LEU E 85 -3.95 16.91 5.18
C LEU E 85 -2.86 16.89 4.11
N MET E 86 -3.20 16.36 2.91
CA MET E 86 -2.20 16.18 1.88
C MET E 86 -2.23 17.33 0.87
N PRO E 87 -1.12 17.62 0.22
CA PRO E 87 -1.10 18.70 -0.77
C PRO E 87 -1.87 18.31 -2.02
N ILE E 88 -2.82 19.17 -2.40
CA ILE E 88 -3.71 18.89 -3.52
C ILE E 88 -4.08 20.23 -4.17
N VAL E 89 -4.72 20.16 -5.34
CA VAL E 89 -5.07 21.33 -6.12
C VAL E 89 -6.51 21.22 -6.60
N ALA E 90 -7.25 22.31 -6.47
CA ALA E 90 -8.57 22.47 -7.05
C ALA E 90 -8.52 23.55 -8.12
N ASP E 91 -9.68 23.84 -8.71
CA ASP E 91 -9.74 24.82 -9.78
C ASP E 91 -9.40 26.24 -9.31
N ASP E 92 -9.43 26.48 -7.99
CA ASP E 92 -9.12 27.80 -7.45
C ASP E 92 -7.76 27.84 -6.75
N GLY E 93 -6.92 26.83 -6.94
CA GLY E 93 -5.56 26.87 -6.45
C GLY E 93 -5.20 25.69 -5.58
N PRO E 94 -3.90 25.56 -5.28
CA PRO E 94 -3.46 24.44 -4.42
C PRO E 94 -3.82 24.67 -2.97
N HIS E 95 -3.77 23.59 -2.20
CA HIS E 95 -4.11 23.63 -0.79
C HIS E 95 -3.76 22.27 -0.18
N TYR E 96 -4.02 22.14 1.12
CA TYR E 96 -3.93 20.87 1.83
C TYR E 96 -5.33 20.44 2.25
N GLY E 97 -5.64 19.16 2.05
CA GLY E 97 -6.97 18.68 2.39
C GLY E 97 -7.01 17.18 2.53
N ALA E 98 -8.17 16.70 2.97
CA ALA E 98 -8.38 15.27 3.18
C ALA E 98 -9.86 15.00 3.34
N ASN E 99 -10.32 13.88 2.78
CA ASN E 99 -11.68 13.42 3.00
C ASN E 99 -11.78 12.79 4.39
N ILE E 100 -12.78 13.19 5.16
CA ILE E 100 -12.95 12.73 6.52
C ILE E 100 -14.35 12.15 6.68
N ALA E 101 -14.43 10.92 7.17
CA ALA E 101 -15.71 10.29 7.48
C ALA E 101 -16.18 10.79 8.86
N MET E 102 -17.37 11.38 8.89
CA MET E 102 -17.91 11.92 10.12
C MET E 102 -19.02 11.01 10.60
N GLU E 103 -20.26 11.18 10.13
CA GLU E 103 -21.32 10.25 10.50
C GLU E 103 -20.96 8.83 10.13
N LYS E 104 -20.15 8.64 9.09
CA LYS E 104 -19.80 7.31 8.61
C LYS E 104 -18.65 6.68 9.40
N ASP E 105 -17.99 7.41 10.28
CA ASP E 105 -16.93 6.83 11.10
C ASP E 105 -17.51 5.75 11.99
N LYS E 106 -17.12 4.49 11.73
CA LYS E 106 -17.68 3.38 12.49
C LYS E 106 -17.43 3.54 13.99
N LYS E 107 -16.28 4.11 14.36
CA LYS E 107 -15.97 4.31 15.77
C LYS E 107 -17.10 5.02 16.50
N GLY E 108 -17.90 5.81 15.78
CA GLY E 108 -18.99 6.54 16.40
C GLY E 108 -18.51 7.73 17.19
N GLY E 109 -19.40 8.68 17.45
CA GLY E 109 -19.06 9.88 18.19
C GLY E 109 -18.65 11.06 17.34
N PHE E 110 -18.58 10.90 16.02
CA PHE E 110 -18.20 11.99 15.14
C PHE E 110 -19.39 12.42 14.28
N GLY E 111 -20.53 12.66 14.94
CA GLY E 111 -21.72 13.16 14.28
C GLY E 111 -21.86 14.65 14.42
N VAL E 112 -23.10 15.13 14.27
CA VAL E 112 -23.36 16.56 14.40
C VAL E 112 -23.10 16.99 15.83
N GLY E 113 -22.45 18.14 15.98
CA GLY E 113 -22.16 18.67 17.28
C GLY E 113 -21.09 19.73 17.22
N ASN E 114 -20.78 20.28 18.38
CA ASN E 114 -19.74 21.29 18.50
C ASN E 114 -18.37 20.62 18.44
N TYR E 115 -17.46 21.22 17.66
CA TYR E 115 -16.19 20.60 17.35
C TYR E 115 -15.04 21.55 17.66
N GLU E 116 -13.88 20.96 17.91
CA GLU E 116 -12.62 21.69 18.09
C GLU E 116 -11.62 21.16 17.07
N LEU E 117 -11.27 22.00 16.09
CA LEU E 117 -10.31 21.64 15.07
C LEU E 117 -8.95 22.24 15.41
N THR E 118 -7.90 21.46 15.22
CA THR E 118 -6.54 21.89 15.53
C THR E 118 -5.61 21.42 14.41
N PHE E 119 -4.89 22.36 13.81
CA PHE E 119 -3.87 22.05 12.82
C PHE E 119 -2.51 22.07 13.50
N TYR E 120 -1.70 21.04 13.23
CA TYR E 120 -0.32 20.96 13.71
C TYR E 120 0.59 21.13 12.51
N ILE E 121 1.32 22.24 12.47
CA ILE E 121 2.07 22.64 11.29
C ILE E 121 3.56 22.54 11.59
N SER E 122 4.27 21.77 10.78
CA SER E 122 5.73 21.69 10.83
C SER E 122 6.29 22.14 9.49
N ASN E 123 7.55 22.56 9.49
CA ASN E 123 8.13 23.27 8.36
C ASN E 123 8.61 22.30 7.29
N PRO E 124 8.92 22.80 6.09
CA PRO E 124 9.22 21.91 4.95
C PRO E 124 10.52 21.13 5.06
N GLU E 125 11.30 21.28 6.13
CA GLU E 125 12.63 20.67 6.16
C GLU E 125 12.55 19.15 6.09
N LYS E 126 11.63 18.55 6.85
CA LYS E 126 11.58 17.09 6.92
C LYS E 126 11.31 16.46 5.56
N GLN E 127 10.62 17.17 4.66
CA GLN E 127 10.28 16.66 3.35
C GLN E 127 11.38 16.89 2.32
N GLY E 128 12.54 17.38 2.75
CA GLY E 128 13.65 17.60 1.85
C GLY E 128 13.67 18.94 1.16
N PHE E 129 12.94 19.92 1.67
CA PHE E 129 12.90 21.26 1.08
C PHE E 129 13.98 22.13 1.72
N GLY E 130 14.83 22.73 0.88
CA GLY E 130 15.95 23.51 1.36
C GLY E 130 15.70 25.01 1.23
N ARG E 131 16.65 25.78 1.78
CA ARG E 131 16.58 27.23 1.76
C ARG E 131 17.99 27.79 1.69
N HIS E 132 18.13 28.88 0.94
CA HIS E 132 19.42 29.58 0.89
C HIS E 132 19.72 30.23 2.24
N VAL E 133 21.01 30.27 2.57
CA VAL E 133 21.45 30.84 3.84
C VAL E 133 22.65 31.74 3.61
N ASP E 134 23.02 31.97 2.35
CA ASP E 134 24.12 32.86 2.04
C ASP E 134 23.74 34.30 2.40
N GLU E 135 24.77 35.14 2.51
CA GLU E 135 24.55 36.53 2.92
C GLU E 135 23.70 37.30 1.91
N GLU E 136 23.84 36.98 0.62
CA GLU E 136 23.19 37.76 -0.43
C GLU E 136 21.76 37.31 -0.67
N THR E 137 21.53 36.00 -0.81
CA THR E 137 20.23 35.46 -1.16
C THR E 137 19.66 34.55 -0.08
N GLY E 138 20.18 34.64 1.15
CA GLY E 138 19.67 33.82 2.23
C GLY E 138 18.35 34.33 2.77
N VAL E 139 17.64 33.43 3.45
CA VAL E 139 16.35 33.73 4.04
C VAL E 139 16.36 33.33 5.51
N GLY E 140 15.32 33.73 6.22
CA GLY E 140 15.23 33.46 7.65
C GLY E 140 15.06 31.99 7.94
N LYS E 141 15.29 31.64 9.22
CA LYS E 141 15.17 30.26 9.64
C LYS E 141 13.71 29.86 9.77
N TRP E 142 13.42 28.62 9.39
CA TRP E 142 12.03 28.14 9.38
C TRP E 142 11.45 28.12 10.78
N PHE E 143 10.16 28.44 10.87
CA PHE E 143 9.45 28.34 12.13
C PHE E 143 9.55 26.92 12.68
N GLU E 144 9.51 26.81 14.01
CA GLU E 144 9.43 25.49 14.63
C GLU E 144 7.96 25.07 14.74
N PRO E 145 7.71 23.78 14.90
CA PRO E 145 6.31 23.30 14.88
C PRO E 145 5.42 24.08 15.84
N PHE E 146 4.24 24.47 15.34
CA PHE E 146 3.26 25.18 16.13
C PHE E 146 1.90 24.59 15.82
N LYS E 147 0.84 25.23 16.32
CA LYS E 147 -0.52 24.75 16.10
C LYS E 147 -1.49 25.93 16.15
N VAL E 148 -2.60 25.77 15.43
CA VAL E 148 -3.68 26.75 15.44
C VAL E 148 -4.98 26.03 15.78
N ASP E 149 -5.92 26.76 16.37
CA ASP E 149 -7.16 26.19 16.85
C ASP E 149 -8.35 26.96 16.31
N TYR E 150 -9.44 26.23 16.06
CA TYR E 150 -10.69 26.83 15.61
C TYR E 150 -11.85 26.21 16.38
N LYS E 151 -13.03 26.84 16.24
CA LYS E 151 -14.28 26.28 16.72
C LYS E 151 -15.26 26.28 15.56
N PHE E 152 -15.96 25.16 15.37
CA PHE E 152 -16.98 25.11 14.33
C PHE E 152 -18.02 24.04 14.69
N LYS E 153 -19.23 24.27 14.22
CA LYS E 153 -20.35 23.37 14.45
C LYS E 153 -20.63 22.57 13.18
N TYR E 154 -20.82 21.27 13.34
CA TYR E 154 -21.00 20.35 12.23
C TYR E 154 -22.43 19.84 12.23
N THR E 155 -23.11 19.99 11.08
CA THR E 155 -24.48 19.54 10.91
C THR E 155 -24.61 18.52 9.77
N GLY E 156 -23.50 17.93 9.34
CA GLY E 156 -23.49 17.00 8.23
C GLY E 156 -22.83 17.62 7.00
N THR E 157 -22.81 16.82 5.95
CA THR E 157 -22.26 17.28 4.68
C THR E 157 -22.89 18.62 4.29
N PRO E 158 -22.11 19.57 3.78
CA PRO E 158 -22.70 20.87 3.42
C PRO E 158 -23.55 20.75 2.16
N LYS E 159 -24.81 21.15 2.25
CA LYS E 159 -25.74 21.07 1.13
C LYS E 159 -25.76 22.39 0.35
N GLU F 3 22.85 37.80 -13.00
CA GLU F 3 22.82 36.35 -12.83
C GLU F 3 22.66 35.67 -14.18
N VAL F 4 23.55 34.72 -14.47
CA VAL F 4 23.68 34.12 -15.80
C VAL F 4 22.34 33.53 -16.24
N PRO F 5 21.69 34.09 -17.27
CA PRO F 5 20.54 33.40 -17.87
C PRO F 5 21.00 32.37 -18.88
N ILE F 6 20.23 31.28 -18.96
CA ILE F 6 20.54 30.16 -19.85
C ILE F 6 19.48 30.10 -20.94
N GLY F 7 19.92 30.14 -22.19
CA GLY F 7 19.02 29.97 -23.32
C GLY F 7 17.83 30.90 -23.25
N ASP F 8 16.69 30.40 -23.70
CA ASP F 8 15.45 31.17 -23.74
C ASP F 8 14.36 30.42 -22.98
N PRO F 9 13.40 31.14 -22.41
CA PRO F 9 12.33 30.46 -21.65
C PRO F 9 11.35 29.76 -22.58
N LYS F 10 10.94 28.57 -22.18
CA LYS F 10 10.01 27.75 -22.93
C LYS F 10 8.68 27.69 -22.19
N GLU F 11 7.59 28.07 -22.86
CA GLU F 11 6.26 28.14 -22.27
C GLU F 11 5.44 26.96 -22.81
N LEU F 12 5.26 25.95 -21.97
CA LEU F 12 4.55 24.74 -22.36
C LEU F 12 3.75 24.22 -21.18
N ASN F 13 2.61 23.60 -21.48
CA ASN F 13 1.76 22.99 -20.46
C ASN F 13 1.38 23.98 -19.36
N GLY F 14 1.17 25.23 -19.75
CA GLY F 14 0.74 26.25 -18.82
C GLY F 14 1.80 26.69 -17.84
N MET F 15 3.07 26.57 -18.19
CA MET F 15 4.16 26.94 -17.28
C MET F 15 5.28 27.61 -18.08
N GLU F 16 5.73 28.76 -17.60
CA GLU F 16 6.94 29.39 -18.12
C GLU F 16 8.14 28.75 -17.44
N ILE F 17 9.05 28.19 -18.25
CA ILE F 17 10.19 27.45 -17.75
C ILE F 17 11.45 28.17 -18.19
N ALA F 18 12.14 28.79 -17.24
CA ALA F 18 13.38 29.49 -17.49
C ALA F 18 14.52 28.80 -16.74
N ALA F 19 15.72 28.92 -17.29
CA ALA F 19 16.92 28.32 -16.71
C ALA F 19 17.94 29.41 -16.40
N VAL F 20 18.60 29.26 -15.25
CA VAL F 20 19.61 30.19 -14.79
C VAL F 20 20.74 29.51 -14.02
N TYR F 21 21.98 29.91 -14.25
CA TYR F 21 23.11 29.35 -13.54
C TYR F 21 23.64 30.41 -12.61
N LEU F 22 24.07 30.07 -11.42
CA LEU F 22 24.58 31.08 -10.49
C LEU F 22 25.69 30.50 -9.65
N GLN F 23 26.35 31.30 -8.84
CA GLN F 23 27.44 30.86 -7.97
C GLN F 23 27.10 29.73 -7.01
N PRO F 24 28.12 28.97 -6.54
CA PRO F 24 27.87 27.94 -5.53
C PRO F 24 27.13 28.52 -4.32
N ILE F 25 26.10 27.83 -3.87
CA ILE F 25 25.18 28.34 -2.86
C ILE F 25 25.31 27.49 -1.60
N GLU F 26 25.58 28.15 -0.48
CA GLU F 26 25.51 27.50 0.82
C GLU F 26 24.05 27.35 1.23
N MET F 27 23.62 26.12 1.49
CA MET F 27 22.21 25.83 1.70
C MET F 27 22.02 24.91 2.89
N GLU F 28 20.93 25.15 3.63
CA GLU F 28 20.52 24.33 4.77
C GLU F 28 19.22 23.61 4.46
N PRO F 29 19.04 22.37 4.92
CA PRO F 29 19.99 21.54 5.69
C PRO F 29 21.20 21.11 4.86
N ARG F 30 22.32 20.84 5.53
CA ARG F 30 23.56 20.51 4.86
C ARG F 30 23.68 19.00 4.65
N GLY F 31 24.13 18.62 3.45
CA GLY F 31 24.31 17.23 3.08
C GLY F 31 23.33 16.76 2.02
N ILE F 32 22.13 17.33 1.98
CA ILE F 32 21.18 17.01 0.92
C ILE F 32 21.77 17.37 -0.44
N ASP F 33 22.32 18.58 -0.55
CA ASP F 33 22.92 19.06 -1.78
C ASP F 33 24.45 19.07 -1.63
N LEU F 34 25.13 18.97 -2.76
CA LEU F 34 26.58 19.07 -2.76
C LEU F 34 27.00 20.40 -2.13
N ALA F 35 27.97 20.32 -1.21
CA ALA F 35 28.42 21.53 -0.52
C ALA F 35 28.97 22.54 -1.51
N ALA F 36 28.68 23.81 -1.26
CA ALA F 36 29.16 24.88 -2.13
C ALA F 36 30.68 24.88 -2.23
N SER F 37 31.36 24.44 -1.17
CA SER F 37 32.81 24.36 -1.19
C SER F 37 33.33 23.60 -2.40
N LEU F 38 32.62 22.56 -2.82
CA LEU F 38 33.11 21.61 -3.81
C LEU F 38 32.35 21.69 -5.13
N ALA F 39 31.59 22.76 -5.34
CA ALA F 39 30.85 22.96 -6.57
C ALA F 39 31.22 24.30 -7.19
N ASP F 40 30.99 24.41 -8.50
CA ASP F 40 31.29 25.63 -9.23
C ASP F 40 30.06 26.49 -9.51
N ILE F 41 28.85 25.94 -9.38
CA ILE F 41 27.67 26.69 -9.79
C ILE F 41 26.43 26.07 -9.16
N HIS F 42 25.44 26.92 -8.90
CA HIS F 42 24.11 26.51 -8.45
C HIS F 42 23.16 26.65 -9.63
N LEU F 43 22.82 25.52 -10.25
CA LEU F 43 21.94 25.51 -11.41
C LEU F 43 20.48 25.52 -10.94
N GLU F 44 19.73 26.54 -11.34
CA GLU F 44 18.35 26.72 -10.90
C GLU F 44 17.39 26.66 -12.07
N ALA F 45 16.13 26.34 -11.77
CA ALA F 45 15.06 26.29 -12.76
C ALA F 45 13.85 27.03 -12.20
N ASP F 46 13.39 28.04 -12.94
CA ASP F 46 12.27 28.87 -12.53
C ASP F 46 11.03 28.44 -13.31
N ILE F 47 10.09 27.80 -12.61
CA ILE F 47 8.87 27.27 -13.22
C ILE F 47 7.68 27.87 -12.49
N HIS F 48 6.84 28.59 -13.22
CA HIS F 48 5.68 29.25 -12.63
C HIS F 48 4.50 29.16 -13.59
N ALA F 49 3.31 29.39 -13.04
CA ALA F 49 2.08 29.17 -13.78
C ALA F 49 1.80 30.32 -14.74
N LEU F 50 1.50 29.98 -15.98
CA LEU F 50 1.04 30.95 -16.95
C LEU F 50 -0.42 31.30 -16.70
N LYS F 51 -0.84 32.44 -17.26
CA LYS F 51 -2.24 32.85 -17.14
C LYS F 51 -3.15 31.76 -17.69
N ASN F 52 -4.29 31.57 -17.03
CA ASN F 52 -5.27 30.56 -17.41
C ASN F 52 -4.63 29.16 -17.35
N ASN F 53 -4.03 28.86 -16.22
CA ASN F 53 -3.33 27.59 -16.06
C ASN F 53 -4.33 26.43 -16.15
N PRO F 54 -4.00 25.37 -16.89
CA PRO F 54 -4.96 24.27 -17.05
C PRO F 54 -5.17 23.44 -15.80
N ASN F 55 -4.23 23.47 -14.84
CA ASN F 55 -4.29 22.60 -13.67
C ASN F 55 -4.62 23.38 -12.39
N GLY F 56 -5.34 24.49 -12.52
CA GLY F 56 -5.88 25.19 -11.38
C GLY F 56 -4.92 26.07 -10.61
N PHE F 57 -3.70 26.25 -11.11
CA PHE F 57 -2.71 27.06 -10.40
C PHE F 57 -2.82 28.52 -10.83
N PRO F 58 -3.07 29.45 -9.91
CA PRO F 58 -3.16 30.87 -10.31
C PRO F 58 -1.94 31.34 -11.09
N GLU F 59 -2.12 32.40 -11.88
CA GLU F 59 -1.02 32.93 -12.67
C GLU F 59 0.11 33.41 -11.76
N GLY F 60 1.34 33.10 -12.16
CA GLY F 60 2.51 33.51 -11.42
C GLY F 60 2.91 32.59 -10.30
N PHE F 61 2.00 31.72 -9.83
CA PHE F 61 2.33 30.80 -8.75
C PHE F 61 3.51 29.93 -9.14
N TRP F 62 4.27 29.51 -8.13
CA TRP F 62 5.34 28.54 -8.34
C TRP F 62 4.75 27.15 -8.50
N MET F 63 5.39 26.34 -9.35
CA MET F 63 4.91 24.98 -9.61
C MET F 63 5.60 24.04 -8.63
N PRO F 64 4.93 23.53 -7.61
CA PRO F 64 5.60 22.71 -6.61
C PRO F 64 5.51 21.22 -6.93
N TYR F 65 6.30 20.45 -6.19
CA TYR F 65 6.28 18.99 -6.22
C TYR F 65 6.67 18.41 -7.58
N LEU F 66 7.15 19.23 -8.51
CA LEU F 66 7.68 18.70 -9.76
C LEU F 66 8.99 17.98 -9.50
N THR F 67 9.28 16.99 -10.33
CA THR F 67 10.53 16.24 -10.27
C THR F 67 11.31 16.51 -11.55
N ILE F 68 12.37 17.30 -11.43
CA ILE F 68 13.13 17.77 -12.58
C ILE F 68 14.51 17.12 -12.55
N ALA F 69 14.85 16.39 -13.61
CA ALA F 69 16.15 15.80 -13.77
C ALA F 69 16.94 16.56 -14.82
N TYR F 70 18.22 16.81 -14.54
CA TYR F 70 19.08 17.56 -15.44
C TYR F 70 20.09 16.62 -16.10
N GLU F 71 20.51 16.99 -17.31
CA GLU F 71 21.60 16.33 -18.00
C GLU F 71 22.44 17.41 -18.67
N LEU F 72 23.64 17.65 -18.16
CA LEU F 72 24.55 18.64 -18.72
C LEU F 72 25.72 17.89 -19.35
N LYS F 73 25.84 18.01 -20.67
CA LYS F 73 26.78 17.21 -21.45
C LYS F 73 27.81 18.12 -22.10
N ASN F 74 29.08 17.71 -22.02
CA ASN F 74 30.16 18.46 -22.63
C ASN F 74 30.21 18.17 -24.12
N THR F 75 29.95 19.19 -24.94
CA THR F 75 30.03 19.01 -26.39
C THR F 75 31.46 18.82 -26.83
N ASP F 76 32.37 19.66 -26.34
CA ASP F 76 33.77 19.59 -26.71
C ASP F 76 34.49 18.48 -25.97
N ILE F 80 28.81 14.72 -20.28
CA ILE F 80 27.70 13.83 -19.96
C ILE F 80 27.55 13.66 -18.46
N LYS F 81 26.87 14.62 -17.83
CA LYS F 81 26.62 14.59 -16.38
C LYS F 81 25.11 14.66 -16.15
N ARG F 82 24.57 13.64 -15.49
CA ARG F 82 23.14 13.54 -15.21
C ARG F 82 22.91 13.65 -13.72
N GLY F 83 21.81 14.30 -13.34
CA GLY F 83 21.48 14.41 -11.94
C GLY F 83 20.09 14.97 -11.73
N THR F 84 19.88 15.53 -10.54
CA THR F 84 18.57 15.98 -10.10
C THR F 84 18.64 17.40 -9.56
N LEU F 85 17.53 18.11 -9.70
CA LEU F 85 17.31 19.38 -9.01
C LEU F 85 16.40 19.15 -7.81
N MET F 86 16.56 19.99 -6.79
CA MET F 86 15.78 19.85 -5.58
C MET F 86 15.00 21.13 -5.29
N PRO F 87 13.85 21.04 -4.63
CA PRO F 87 13.06 22.24 -4.34
C PRO F 87 13.73 23.10 -3.26
N ILE F 88 13.86 24.40 -3.55
CA ILE F 88 14.58 25.33 -2.69
C ILE F 88 13.82 26.64 -2.65
N VAL F 89 14.11 27.45 -1.63
CA VAL F 89 13.60 28.81 -1.52
C VAL F 89 14.76 29.75 -1.26
N ALA F 90 14.73 30.92 -1.90
CA ALA F 90 15.69 31.99 -1.66
C ALA F 90 14.91 33.26 -1.35
N ASP F 91 15.64 34.35 -1.09
CA ASP F 91 15.00 35.62 -0.79
C ASP F 91 14.18 36.16 -1.96
N ASP F 92 14.35 35.60 -3.16
CA ASP F 92 13.56 36.00 -4.31
C ASP F 92 12.34 35.11 -4.52
N GLY F 93 12.29 33.94 -3.90
CA GLY F 93 11.16 33.06 -4.02
C GLY F 93 11.57 31.61 -4.18
N PRO F 94 10.60 30.70 -4.18
CA PRO F 94 10.91 29.27 -4.34
C PRO F 94 11.33 28.94 -5.76
N HIS F 95 11.99 27.79 -5.89
CA HIS F 95 12.50 27.31 -7.17
C HIS F 95 13.10 25.92 -7.01
N TYR F 96 13.67 25.40 -8.09
CA TYR F 96 14.44 24.15 -8.05
C TYR F 96 15.88 24.46 -8.39
N GLY F 97 16.81 23.80 -7.70
CA GLY F 97 18.21 24.08 -7.94
C GLY F 97 19.09 22.97 -7.41
N ALA F 98 20.39 23.12 -7.67
CA ALA F 98 21.39 22.16 -7.22
C ALA F 98 22.78 22.72 -7.48
N ASN F 99 23.67 22.53 -6.50
CA ASN F 99 25.07 22.91 -6.67
C ASN F 99 25.80 21.82 -7.43
N ILE F 100 26.44 22.18 -8.53
CA ILE F 100 27.10 21.23 -9.40
C ILE F 100 28.57 21.58 -9.52
N ALA F 101 29.42 20.56 -9.50
CA ALA F 101 30.84 20.75 -9.75
C ALA F 101 31.07 20.81 -11.26
N MET F 102 31.56 21.95 -11.74
CA MET F 102 31.95 22.09 -13.14
C MET F 102 33.44 21.84 -13.31
N GLU F 103 34.26 22.86 -13.03
CA GLU F 103 35.69 22.72 -13.22
C GLU F 103 36.27 21.71 -12.25
N LYS F 104 35.78 21.69 -11.01
CA LYS F 104 36.19 20.68 -10.06
C LYS F 104 35.50 19.35 -10.31
N ASP F 105 34.66 19.25 -11.34
CA ASP F 105 34.17 17.98 -11.80
C ASP F 105 35.38 17.12 -12.13
N LYS F 106 35.76 16.26 -11.21
CA LYS F 106 37.03 15.53 -11.29
C LYS F 106 36.79 14.16 -11.91
N LYS F 107 36.41 14.20 -13.20
CA LYS F 107 36.01 13.01 -13.92
C LYS F 107 36.51 13.07 -15.36
N GLY F 108 36.12 14.11 -16.07
CA GLY F 108 36.57 14.33 -17.42
C GLY F 108 36.46 15.78 -17.77
N GLY F 109 36.49 16.06 -19.07
CA GLY F 109 36.32 17.42 -19.53
C GLY F 109 34.95 17.97 -19.21
N PHE F 110 34.72 18.28 -17.95
CA PHE F 110 33.51 18.96 -17.50
C PHE F 110 33.85 20.40 -17.11
N GLY F 111 34.72 21.01 -17.90
CA GLY F 111 35.19 22.36 -17.68
C GLY F 111 34.47 23.35 -18.57
N VAL F 112 35.15 24.45 -18.87
CA VAL F 112 34.56 25.50 -19.68
C VAL F 112 34.43 25.03 -21.12
N GLY F 113 33.30 25.33 -21.74
CA GLY F 113 33.07 24.92 -23.12
C GLY F 113 31.66 25.26 -23.56
N ASN F 114 31.11 24.40 -24.42
CA ASN F 114 29.73 24.49 -24.85
C ASN F 114 29.00 23.25 -24.35
N TYR F 115 27.82 23.44 -23.76
CA TYR F 115 27.12 22.36 -23.07
C TYR F 115 25.67 22.29 -23.52
N GLU F 116 25.16 21.07 -23.61
CA GLU F 116 23.74 20.81 -23.85
C GLU F 116 23.07 20.53 -22.51
N LEU F 117 22.11 21.39 -22.14
CA LEU F 117 21.36 21.24 -20.90
C LEU F 117 19.94 20.79 -21.22
N THR F 118 19.45 19.81 -20.47
CA THR F 118 18.08 19.32 -20.61
C THR F 118 17.41 19.25 -19.25
N PHE F 119 16.15 19.67 -19.19
CA PHE F 119 15.31 19.50 -18.01
C PHE F 119 14.27 18.44 -18.33
N TYR F 120 14.30 17.33 -17.60
CA TYR F 120 13.32 16.26 -17.74
C TYR F 120 12.28 16.43 -16.64
N ILE F 121 11.09 16.90 -17.02
CA ILE F 121 10.07 17.31 -16.07
C ILE F 121 8.99 16.24 -16.01
N SER F 122 8.59 15.89 -14.79
CA SER F 122 7.47 14.98 -14.56
C SER F 122 6.47 15.66 -13.62
N ASN F 123 5.20 15.30 -13.78
CA ASN F 123 4.13 15.96 -13.05
C ASN F 123 4.18 15.59 -11.57
N PRO F 124 3.56 16.41 -10.71
CA PRO F 124 3.70 16.20 -9.25
C PRO F 124 2.98 14.97 -8.71
N GLU F 125 2.28 14.20 -9.53
CA GLU F 125 1.55 13.05 -9.01
C GLU F 125 2.50 11.95 -8.51
N LYS F 126 3.70 11.87 -9.08
CA LYS F 126 4.67 10.88 -8.62
C LYS F 126 5.15 11.16 -7.20
N GLN F 127 4.95 12.37 -6.69
CA GLN F 127 5.32 12.73 -5.33
C GLN F 127 4.15 12.61 -4.35
N GLY F 128 3.00 12.11 -4.81
CA GLY F 128 1.84 12.01 -3.96
C GLY F 128 0.93 13.22 -3.97
N PHE F 129 1.10 14.12 -4.92
CA PHE F 129 0.24 15.30 -5.02
C PHE F 129 -1.10 14.92 -5.62
N GLY F 130 -2.18 15.38 -5.00
CA GLY F 130 -3.52 15.01 -5.39
C GLY F 130 -4.19 16.04 -6.29
N ARG F 131 -5.36 15.67 -6.80
CA ARG F 131 -6.10 16.50 -7.74
C ARG F 131 -7.60 16.36 -7.48
N HIS F 132 -8.29 17.48 -7.38
CA HIS F 132 -9.74 17.47 -7.40
C HIS F 132 -10.21 17.05 -8.78
N VAL F 133 -11.11 16.07 -8.85
CA VAL F 133 -11.61 15.58 -10.13
C VAL F 133 -13.13 15.55 -10.13
N ASP F 134 -13.76 16.18 -9.14
CA ASP F 134 -15.20 16.31 -9.15
C ASP F 134 -15.63 17.30 -10.23
N GLU F 135 -16.93 17.25 -10.57
CA GLU F 135 -17.45 18.11 -11.62
C GLU F 135 -17.34 19.58 -11.22
N GLU F 136 -17.55 19.89 -9.94
CA GLU F 136 -17.69 21.29 -9.52
C GLU F 136 -16.33 21.96 -9.35
N THR F 137 -15.37 21.29 -8.73
CA THR F 137 -14.06 21.87 -8.45
C THR F 137 -12.92 21.09 -9.12
N GLY F 138 -13.23 20.26 -10.09
CA GLY F 138 -12.20 19.46 -10.73
C GLY F 138 -11.23 20.29 -11.55
N VAL F 139 -10.08 19.70 -11.83
CA VAL F 139 -9.04 20.33 -12.64
C VAL F 139 -8.58 19.33 -13.69
N GLY F 140 -7.95 19.88 -14.74
CA GLY F 140 -7.49 19.04 -15.83
C GLY F 140 -6.41 18.06 -15.41
N LYS F 141 -6.22 17.04 -16.24
CA LYS F 141 -5.21 16.04 -15.98
C LYS F 141 -3.81 16.63 -16.15
N TRP F 142 -2.83 15.96 -15.54
CA TRP F 142 -1.47 16.46 -15.56
C TRP F 142 -0.78 16.12 -16.88
N PHE F 143 0.16 16.97 -17.27
CA PHE F 143 0.97 16.71 -18.44
C PHE F 143 1.73 15.41 -18.28
N GLU F 144 2.17 14.86 -19.40
CA GLU F 144 3.00 13.67 -19.40
C GLU F 144 4.48 14.08 -19.35
N PRO F 145 5.36 13.14 -19.02
CA PRO F 145 6.80 13.47 -19.00
C PRO F 145 7.27 14.10 -20.30
N PHE F 146 7.81 15.32 -20.22
CA PHE F 146 8.38 16.02 -21.35
C PHE F 146 9.75 16.57 -20.93
N LYS F 147 10.41 17.24 -21.86
CA LYS F 147 11.76 17.74 -21.60
C LYS F 147 11.92 19.14 -22.16
N VAL F 148 12.98 19.81 -21.71
CA VAL F 148 13.27 21.20 -22.05
C VAL F 148 14.78 21.32 -22.20
N ASP F 149 15.24 21.72 -23.39
CA ASP F 149 16.65 21.75 -23.72
C ASP F 149 17.10 23.18 -23.96
N TYR F 150 18.20 23.57 -23.31
CA TYR F 150 18.85 24.85 -23.55
C TYR F 150 20.27 24.61 -24.03
N LYS F 151 20.91 25.69 -24.49
CA LYS F 151 22.32 25.66 -24.83
C LYS F 151 22.92 27.01 -24.48
N PHE F 152 24.13 27.00 -23.93
CA PHE F 152 24.72 28.20 -23.37
C PHE F 152 26.24 28.06 -23.39
N LYS F 153 26.92 29.19 -23.25
CA LYS F 153 28.38 29.23 -23.19
C LYS F 153 28.80 29.36 -21.73
N TYR F 154 29.33 28.29 -21.16
CA TYR F 154 29.90 28.35 -19.83
C TYR F 154 31.15 29.22 -19.89
N THR F 155 31.12 30.33 -19.17
CA THR F 155 32.29 31.19 -19.07
C THR F 155 33.14 30.80 -17.86
N GLY F 156 32.50 30.59 -16.72
CA GLY F 156 33.16 30.23 -15.48
C GLY F 156 32.31 30.65 -14.32
N THR F 157 32.60 30.05 -13.15
CA THR F 157 31.93 30.44 -11.91
C THR F 157 31.71 31.94 -11.90
N PRO F 158 30.47 32.41 -12.03
CA PRO F 158 30.25 33.85 -12.26
C PRO F 158 30.62 34.68 -11.04
N LYS F 159 30.74 35.98 -11.28
CA LYS F 159 31.13 36.94 -10.26
C LYS F 159 29.95 37.82 -9.85
CU CU G . 6.69 -4.09 -9.50
CU CU H . 17.89 7.34 15.41
C1 GOL I . -7.65 -4.90 -3.18
O1 GOL I . -7.01 -6.13 -3.04
C2 GOL I . -6.91 -4.12 -4.28
O2 GOL I . -7.05 -4.72 -5.53
C3 GOL I . -7.51 -2.70 -4.24
O3 GOL I . -7.33 -2.16 -5.50
H31 GOL I . -7.08 -2.19 -3.54
H32 GOL I . -8.45 -2.76 -3.97
HO3 GOL I . -7.26 -2.81 -6.06
C1 GOL J . -1.82 -15.22 11.41
O1 GOL J . -1.06 -15.94 12.33
C2 GOL J . -0.83 -14.39 10.58
O2 GOL J . 0.11 -15.19 9.95
C3 GOL J . -1.72 -13.63 9.57
O3 GOL J . -0.96 -12.57 9.08
H31 GOL J . -2.53 -13.34 10.01
H32 GOL J . -2.01 -14.24 8.88
HO3 GOL J . -0.38 -12.90 8.56
CU CU K . -30.24 -22.39 -5.29
CU CU L . -2.40 -27.18 3.27
S SO4 M . 0.40 -43.78 -9.06
O1 SO4 M . -0.68 -42.81 -9.11
O2 SO4 M . -0.16 -45.10 -8.73
O3 SO4 M . 1.36 -43.39 -8.03
O4 SO4 M . 1.06 -43.85 -10.36
C1 GOL N . -32.63 -36.99 -7.79
O1 GOL N . -33.59 -36.01 -7.57
C2 GOL N . -32.33 -37.00 -9.30
O2 GOL N . -31.87 -35.76 -9.74
C3 GOL N . -31.30 -38.11 -9.49
O3 GOL N . -30.54 -37.78 -10.61
H31 GOL N . -31.76 -38.95 -9.57
H32 GOL N . -30.77 -38.18 -8.67
HO3 GOL N . -30.60 -36.94 -10.71
CU CU O . -9.40 19.81 -1.45
C TRS P . -27.63 14.62 7.55
C1 TRS P . -28.65 15.67 7.13
C2 TRS P . -27.06 14.95 8.93
C3 TRS P . -26.52 14.55 6.50
N TRS P . -28.31 13.30 7.62
O1 TRS P . -29.87 15.45 7.80
O2 TRS P . -25.86 14.26 9.18
O3 TRS P . -26.13 15.86 6.14
H11 TRS P . -28.81 15.62 6.05
H12 TRS P . -28.28 16.66 7.37
H21 TRS P . -27.80 14.68 9.69
H22 TRS P . -26.89 16.03 9.01
H31 TRS P . -25.66 14.01 6.90
H32 TRS P . -26.88 14.01 5.63
HN1 TRS P . -29.10 13.17 8.25
HN2 TRS P . -28.76 12.92 6.79
HN3 TRS P . -27.80 12.46 7.88
HO1 TRS P . -30.53 16.11 7.51
HO2 TRS P . -25.48 14.54 10.02
HO3 TRS P . -25.43 15.81 5.46
CU CU Q . 18.62 27.95 -5.10
C1 GOL R . 21.72 29.88 8.65
O1 GOL R . 22.10 28.73 9.33
C2 GOL R . 20.46 30.42 9.36
O2 GOL R . 20.68 30.63 10.71
C3 GOL R . 20.10 31.71 8.61
O3 GOL R . 19.28 32.45 9.46
H31 GOL R . 19.69 31.49 7.77
H32 GOL R . 20.92 32.18 8.37
HO3 GOL R . 19.60 32.37 10.24
C1 GOL S . -9.64 12.71 -14.78
O1 GOL S . -10.22 12.01 -13.73
C2 GOL S . -10.62 13.82 -15.18
O2 GOL S . -11.04 14.56 -14.09
C3 GOL S . -9.84 14.70 -16.19
O3 GOL S . -10.68 15.75 -16.56
H31 GOL S . -9.58 14.13 -16.95
H32 GOL S . -9.01 14.98 -15.79
HO3 GOL S . -11.29 15.77 -15.98
#